data_3AJL
# 
_entry.id   3AJL 
# 
_audit_conform.dict_name       mmcif_pdbx.dic 
_audit_conform.dict_version    5.380 
_audit_conform.dict_location   http://mmcif.pdb.org/dictionaries/ascii/mmcif_pdbx.dic 
# 
loop_
_database_2.database_id 
_database_2.database_code 
_database_2.pdbx_database_accession 
_database_2.pdbx_DOI 
PDB   3AJL         pdb_00003ajl 10.2210/pdb3ajl/pdb 
NDB   NA0579       ?            ?                   
RCSB  RCSB029331   ?            ?                   
WWPDB D_1000029331 ?            ?                   
# 
loop_
_pdbx_database_related.db_name 
_pdbx_database_related.db_id 
_pdbx_database_related.details 
_pdbx_database_related.content_type 
PDB 3AJJ 'The same DNA without drug'       unspecified 
PDB 3AJK 'The same DNA with Hoechst 33258' unspecified 
# 
_pdbx_database_status.status_code                     REL 
_pdbx_database_status.entry_id                        3AJL 
_pdbx_database_status.recvd_initial_deposition_date   2010-06-07 
_pdbx_database_status.deposit_site                    PDBJ 
_pdbx_database_status.process_site                    PDBJ 
_pdbx_database_status.status_code_sf                  REL 
_pdbx_database_status.status_code_mr                  ? 
_pdbx_database_status.SG_entry                        ? 
_pdbx_database_status.status_code_cs                  ? 
_pdbx_database_status.pdb_format_compatible           Y 
_pdbx_database_status.status_code_nmr_data            ? 
_pdbx_database_status.methods_development_category    ? 
# 
loop_
_audit_author.name 
_audit_author.pdbx_ordinal 
'Tsunoda, M.'  1 
'Sakaue, T.'   2 
'Ueno, Y.'     3 
'Matsuda, A.'  4 
'Takenaka, A.' 5 
# 
_citation.id                        primary 
_citation.title                     
'Insights into the structures of DNA damaged by hydroxyl radical: crystal structures of DNA duplexes containing 5-formyluracil' 
_citation.journal_abbrev            'J Nucleic Acids' 
_citation.journal_volume            2010 
_citation.page_first                107289 
_citation.page_last                 107289 
_citation.year                      2010 
_citation.journal_id_ASTM           ? 
_citation.country                   UK 
_citation.journal_id_ISSN           2090-0201 
_citation.journal_id_CSD            ? 
_citation.book_publisher            ? 
_citation.pdbx_database_id_PubMed   20976303 
_citation.pdbx_database_id_DOI      10.4061/2010/107289 
# 
loop_
_citation_author.citation_id 
_citation_author.name 
_citation_author.ordinal 
_citation_author.identifier_ORCID 
primary 'Tsunoda, M.'  1 ? 
primary 'Sakaue, T.'   2 ? 
primary 'Naito, S.'    3 ? 
primary 'Sunami, T.'   4 ? 
primary 'Abe, N.'      5 ? 
primary 'Ueno, Y.'     6 ? 
primary 'Matsuda, A.'  7 ? 
primary 'Takenaka, A.' 8 ? 
# 
_cell.entry_id           3AJL 
_cell.length_a           25.003 
_cell.length_b           40.501 
_cell.length_c           66.773 
_cell.angle_alpha        90.00 
_cell.angle_beta         90.00 
_cell.angle_gamma        90.00 
_cell.Z_PDB              8 
_cell.pdbx_unique_axis   ? 
_cell.length_a_esd       ? 
_cell.length_b_esd       ? 
_cell.length_c_esd       ? 
_cell.angle_alpha_esd    ? 
_cell.angle_beta_esd     ? 
_cell.angle_gamma_esd    ? 
# 
_symmetry.entry_id                         3AJL 
_symmetry.space_group_name_H-M             'P 21 21 21' 
_symmetry.pdbx_full_space_group_name_H-M   ? 
_symmetry.cell_setting                     ? 
_symmetry.Int_Tables_number                19 
_symmetry.space_group_name_Hall            ? 
# 
loop_
_entity.id 
_entity.type 
_entity.src_method 
_entity.pdbx_description 
_entity.formula_weight 
_entity.pdbx_number_of_molecules 
_entity.pdbx_ec 
_entity.pdbx_mutation 
_entity.pdbx_fragment 
_entity.details 
1 polymer     syn "5'-D(*CP*GP*CP*GP*GP*AP*TP*(UFR)P*CP*GP*CP*G)-3'" 3693.375 2  ? ? ? ? 
2 non-polymer syn '6-AMIDINE-2-(4-AMIDINO-PHENYL)INDOLE'             277.324  1  ? ? ? ? 
3 non-polymer syn 'MAGNESIUM ION'                                    24.305   1  ? ? ? ? 
4 water       nat water                                              18.015   45 ? ? ? ? 
# 
_entity_poly.entity_id                      1 
_entity_poly.type                           polydeoxyribonucleotide 
_entity_poly.nstd_linkage                   no 
_entity_poly.nstd_monomer                   yes 
_entity_poly.pdbx_seq_one_letter_code       '(DC)(DG)(DC)(DG)(DG)(DA)(DT)(UFR)(DC)(DG)(DC)(DG)' 
_entity_poly.pdbx_seq_one_letter_code_can   CGCGGATUCGCG 
_entity_poly.pdbx_strand_id                 A,B 
_entity_poly.pdbx_target_identifier         ? 
# 
loop_
_entity_poly_seq.entity_id 
_entity_poly_seq.num 
_entity_poly_seq.mon_id 
_entity_poly_seq.hetero 
1 1  DC  n 
1 2  DG  n 
1 3  DC  n 
1 4  DG  n 
1 5  DG  n 
1 6  DA  n 
1 7  DT  n 
1 8  UFR n 
1 9  DC  n 
1 10 DG  n 
1 11 DC  n 
1 12 DG  n 
# 
_pdbx_entity_src_syn.entity_id              1 
_pdbx_entity_src_syn.pdbx_src_id            1 
_pdbx_entity_src_syn.pdbx_alt_source_flag   sample 
_pdbx_entity_src_syn.pdbx_beg_seq_num       ? 
_pdbx_entity_src_syn.pdbx_end_seq_num       ? 
_pdbx_entity_src_syn.organism_scientific    ? 
_pdbx_entity_src_syn.organism_common_name   ? 
_pdbx_entity_src_syn.ncbi_taxonomy_id       ? 
_pdbx_entity_src_syn.details                'Synthetic DNA' 
# 
_struct_ref.id                         1 
_struct_ref.db_name                    PDB 
_struct_ref.db_code                    3AJL 
_struct_ref.pdbx_db_accession          3AJL 
_struct_ref.entity_id                  1 
_struct_ref.pdbx_align_begin           ? 
_struct_ref.pdbx_seq_one_letter_code   ? 
_struct_ref.pdbx_db_isoform            ? 
# 
loop_
_struct_ref_seq.align_id 
_struct_ref_seq.ref_id 
_struct_ref_seq.pdbx_PDB_id_code 
_struct_ref_seq.pdbx_strand_id 
_struct_ref_seq.seq_align_beg 
_struct_ref_seq.pdbx_seq_align_beg_ins_code 
_struct_ref_seq.seq_align_end 
_struct_ref_seq.pdbx_seq_align_end_ins_code 
_struct_ref_seq.pdbx_db_accession 
_struct_ref_seq.db_align_beg 
_struct_ref_seq.pdbx_db_align_beg_ins_code 
_struct_ref_seq.db_align_end 
_struct_ref_seq.pdbx_db_align_end_ins_code 
_struct_ref_seq.pdbx_auth_seq_align_beg 
_struct_ref_seq.pdbx_auth_seq_align_end 
1 1 3AJL A 1 ? 12 ? 3AJL 1  ? 12 ? 1  12 
2 1 3AJL B 1 ? 12 ? 3AJL 13 ? 24 ? 13 24 
# 
loop_
_chem_comp.id 
_chem_comp.type 
_chem_comp.mon_nstd_flag 
_chem_comp.name 
_chem_comp.pdbx_synonyms 
_chem_comp.formula 
_chem_comp.formula_weight 
DA  'DNA linking' y "2'-DEOXYADENOSINE-5'-MONOPHOSPHATE"                 ? 'C10 H14 N5 O6 P' 331.222 
DAP non-polymer   . '6-AMIDINE-2-(4-AMIDINO-PHENYL)INDOLE'               ? 'C16 H15 N5'      277.324 
DC  'DNA linking' y "2'-DEOXYCYTIDINE-5'-MONOPHOSPHATE"                  ? 'C9 H14 N3 O7 P'  307.197 
DG  'DNA linking' y "2'-DEOXYGUANOSINE-5'-MONOPHOSPHATE"                 ? 'C10 H14 N5 O7 P' 347.221 
DT  'DNA linking' y "THYMIDINE-5'-MONOPHOSPHATE"                         ? 'C10 H15 N2 O8 P' 322.208 
HOH non-polymer   . WATER                                                ? 'H2 O'            18.015  
MG  non-polymer   . 'MAGNESIUM ION'                                      ? 'Mg 2'            24.305  
UFR 'DNA linking' n 
;2'-DEOXY-5-FORMYLURIDINE 5'-(DIHYDROGEN PHOSPHATE)
;
? 'C10 H13 N2 O9 P' 336.192 
# 
_exptl.entry_id          3AJL 
_exptl.method            'X-RAY DIFFRACTION' 
_exptl.crystals_number   1 
# 
_exptl_crystal.id                    1 
_exptl_crystal.density_meas          ? 
_exptl_crystal.density_Matthews      2.29 
_exptl_crystal.density_percent_sol   46.25 
_exptl_crystal.description           ? 
_exptl_crystal.F_000                 ? 
_exptl_crystal.preparation           ? 
# 
_exptl_crystal_grow.crystal_id      1 
_exptl_crystal_grow.method          'VAPOR DIFFUSION, HANGING DROP' 
_exptl_crystal_grow.temp            277 
_exptl_crystal_grow.temp_details    ? 
_exptl_crystal_grow.pH              7.0 
_exptl_crystal_grow.pdbx_details    
;20mM Na cacodylate, 6mM spermine, 40mM NaCl, 10mM MgCl2, 5% MPD, 0.5mM DAPI, pH 7.0, VAPOR DIFFUSION, HANGING DROP, temperature 277K
;
_exptl_crystal_grow.pdbx_pH_range   ? 
# 
_diffrn.id                     1 
_diffrn.ambient_temp           100 
_diffrn.ambient_temp_details   ? 
_diffrn.crystal_id             1 
# 
_diffrn_detector.diffrn_id              1 
_diffrn_detector.detector               CCD 
_diffrn_detector.type                   'ADSC QUANTUM 4' 
_diffrn_detector.pdbx_collection_date   2001-05-12 
_diffrn_detector.details                ? 
# 
_diffrn_radiation.diffrn_id                        1 
_diffrn_radiation.wavelength_id                    1 
_diffrn_radiation.pdbx_monochromatic_or_laue_m_l   M 
_diffrn_radiation.monochromator                    ? 
_diffrn_radiation.pdbx_diffrn_protocol             'SINGLE WAVELENGTH' 
_diffrn_radiation.pdbx_scattering_type             x-ray 
# 
_diffrn_radiation_wavelength.id           1 
_diffrn_radiation_wavelength.wavelength   1.0 
_diffrn_radiation_wavelength.wt           1.0 
# 
_diffrn_source.diffrn_id                   1 
_diffrn_source.source                      SYNCHROTRON 
_diffrn_source.type                        'PHOTON FACTORY BEAMLINE BL-18B' 
_diffrn_source.pdbx_synchrotron_site       'Photon Factory' 
_diffrn_source.pdbx_synchrotron_beamline   BL-18B 
_diffrn_source.pdbx_wavelength             ? 
_diffrn_source.pdbx_wavelength_list        1.0 
# 
_reflns.entry_id                     3AJL 
_reflns.observed_criterion_sigma_I   ? 
_reflns.observed_criterion_sigma_F   ? 
_reflns.d_resolution_low             34.7 
_reflns.d_resolution_high            2.6 
_reflns.number_obs                   2342 
_reflns.number_all                   ? 
_reflns.percent_possible_obs         99.9 
_reflns.pdbx_Rmerge_I_obs            0.069 
_reflns.pdbx_Rsym_value              0.063 
_reflns.B_iso_Wilson_estimate        25.1 
_reflns.pdbx_redundancy              ? 
_reflns.pdbx_netI_over_sigmaI        6.7 
_reflns.R_free_details               ? 
_reflns.limit_h_max                  ? 
_reflns.limit_h_min                  ? 
_reflns.limit_k_max                  ? 
_reflns.limit_k_min                  ? 
_reflns.limit_l_max                  ? 
_reflns.limit_l_min                  ? 
_reflns.observed_criterion_F_max     ? 
_reflns.observed_criterion_F_min     ? 
_reflns.pdbx_chi_squared             ? 
_reflns.pdbx_scaling_rejects         ? 
_reflns.pdbx_diffrn_id               1 
_reflns.pdbx_ordinal                 1 
# 
_reflns_shell.d_res_high             2.6 
_reflns_shell.d_res_low              2.74 
_reflns_shell.percent_possible_all   99.9 
_reflns_shell.Rmerge_I_obs           0.378 
_reflns_shell.pdbx_Rsym_value        0.349 
_reflns_shell.meanI_over_sigI_obs    2.2 
_reflns_shell.pdbx_redundancy        ? 
_reflns_shell.percent_possible_obs   ? 
_reflns_shell.number_unique_all      333 
_reflns_shell.number_measured_all    ? 
_reflns_shell.number_measured_obs    ? 
_reflns_shell.number_unique_obs      ? 
_reflns_shell.pdbx_chi_squared       ? 
_reflns_shell.pdbx_diffrn_id         ? 
_reflns_shell.pdbx_ordinal           1 
# 
_refine.entry_id                                 3AJL 
_refine.ls_number_reflns_obs                     2021 
_refine.ls_number_reflns_all                     ? 
_refine.pdbx_ls_sigma_I                          ? 
_refine.pdbx_ls_sigma_F                          0.0 
_refine.pdbx_data_cutoff_high_absF               229102.25 
_refine.pdbx_data_cutoff_low_absF                0.000000 
_refine.pdbx_data_cutoff_high_rms_absF           ? 
_refine.ls_d_res_low                             9.86 
_refine.ls_d_res_high                            2.70 
_refine.ls_percent_reflns_obs                    100.0 
_refine.ls_R_factor_obs                          0.212 
_refine.ls_R_factor_all                          ? 
_refine.ls_R_factor_R_work                       0.212 
_refine.ls_R_factor_R_free                       0.281 
_refine.ls_R_factor_R_free_error                 0.020 
_refine.ls_R_factor_R_free_error_details         ? 
_refine.ls_percent_reflns_R_free                 9.4 
_refine.ls_number_reflns_R_free                  189 
_refine.ls_number_parameters                     ? 
_refine.ls_number_restraints                     ? 
_refine.occupancy_min                            ? 
_refine.occupancy_max                            ? 
_refine.correlation_coeff_Fo_to_Fc               ? 
_refine.correlation_coeff_Fo_to_Fc_free          ? 
_refine.B_iso_mean                               42.7 
_refine.aniso_B[1][1]                            12.68 
_refine.aniso_B[2][2]                            -1.03 
_refine.aniso_B[3][3]                            -11.65 
_refine.aniso_B[1][2]                            0.00 
_refine.aniso_B[1][3]                            0.00 
_refine.aniso_B[2][3]                            0.00 
_refine.solvent_model_details                    'FLAT MODEL' 
_refine.solvent_model_param_ksol                 0.35 
_refine.solvent_model_param_bsol                 29.1181 
_refine.pdbx_solvent_vdw_probe_radii             ? 
_refine.pdbx_solvent_ion_probe_radii             ? 
_refine.pdbx_solvent_shrinkage_radii             ? 
_refine.pdbx_ls_cross_valid_method               THROUGHOUT 
_refine.details                                  'BULK SOLVENT MODEL USED' 
_refine.pdbx_starting_model                      'PDB ENTRY 355D' 
_refine.pdbx_method_to_determine_struct          'MOLECULAR REPLACEMENT' 
_refine.pdbx_isotropic_thermal_model             RESTRAINED 
_refine.pdbx_stereochemistry_target_values       ? 
_refine.pdbx_stereochem_target_val_spec_case     ? 
_refine.pdbx_R_Free_selection_details            RANDOM 
_refine.pdbx_overall_ESU_R_Free                  ? 
_refine.overall_SU_ML                            ? 
_refine.overall_SU_B                             ? 
_refine.overall_SU_R_Cruickshank_DPI             ? 
_refine.ls_redundancy_reflns_obs                 ? 
_refine.B_iso_min                                ? 
_refine.B_iso_max                                ? 
_refine.overall_SU_R_free                        ? 
_refine.ls_wR_factor_R_free                      ? 
_refine.ls_wR_factor_R_work                      ? 
_refine.overall_FOM_free_R_set                   ? 
_refine.overall_FOM_work_R_set                   ? 
_refine.pdbx_overall_phase_error                 ? 
_refine.pdbx_refine_id                           'X-RAY DIFFRACTION' 
_refine.pdbx_overall_ESU_R                       ? 
_refine.pdbx_diffrn_id                           1 
_refine.pdbx_TLS_residual_ADP_flag               ? 
_refine.pdbx_overall_SU_R_free_Cruickshank_DPI   ? 
_refine.pdbx_overall_SU_R_Blow_DPI               ? 
_refine.pdbx_overall_SU_R_free_Blow_DPI          ? 
# 
_refine_analyze.entry_id                        3AJL 
_refine_analyze.Luzzati_coordinate_error_obs    0.36 
_refine_analyze.Luzzati_sigma_a_obs             0.45 
_refine_analyze.Luzzati_d_res_low_obs           5.00 
_refine_analyze.Luzzati_coordinate_error_free   0.48 
_refine_analyze.Luzzati_sigma_a_free            0.58 
_refine_analyze.Luzzati_d_res_low_free          ? 
_refine_analyze.number_disordered_residues      ? 
_refine_analyze.occupancy_sum_hydrogen          ? 
_refine_analyze.occupancy_sum_non_hydrogen      ? 
_refine_analyze.pdbx_Luzzati_d_res_high_obs     ? 
_refine_analyze.pdbx_refine_id                  'X-RAY DIFFRACTION' 
# 
_refine_hist.pdbx_refine_id                   'X-RAY DIFFRACTION' 
_refine_hist.cycle_id                         LAST 
_refine_hist.pdbx_number_atoms_protein        0 
_refine_hist.pdbx_number_atoms_nucleic_acid   490 
_refine_hist.pdbx_number_atoms_ligand         22 
_refine_hist.number_atoms_solvent             45 
_refine_hist.number_atoms_total               557 
_refine_hist.d_res_high                       2.70 
_refine_hist.d_res_low                        9.86 
# 
loop_
_refine_ls_restr.type 
_refine_ls_restr.dev_ideal 
_refine_ls_restr.dev_ideal_target 
_refine_ls_restr.weight 
_refine_ls_restr.number 
_refine_ls_restr.pdbx_refine_id 
_refine_ls_restr.pdbx_restraint_function 
c_bond_d                0.007 ? ? ? 'X-RAY DIFFRACTION' ? 
c_bond_d_na             ?     ? ? ? 'X-RAY DIFFRACTION' ? 
c_bond_d_prot           ?     ? ? ? 'X-RAY DIFFRACTION' ? 
c_angle_d               ?     ? ? ? 'X-RAY DIFFRACTION' ? 
c_angle_d_na            ?     ? ? ? 'X-RAY DIFFRACTION' ? 
c_angle_d_prot          ?     ? ? ? 'X-RAY DIFFRACTION' ? 
c_angle_deg             1.0   ? ? ? 'X-RAY DIFFRACTION' ? 
c_angle_deg_na          ?     ? ? ? 'X-RAY DIFFRACTION' ? 
c_angle_deg_prot        ?     ? ? ? 'X-RAY DIFFRACTION' ? 
c_dihedral_angle_d      16.5  ? ? ? 'X-RAY DIFFRACTION' ? 
c_dihedral_angle_d_na   ?     ? ? ? 'X-RAY DIFFRACTION' ? 
c_dihedral_angle_d_prot ?     ? ? ? 'X-RAY DIFFRACTION' ? 
c_improper_angle_d      1.23  ? ? ? 'X-RAY DIFFRACTION' ? 
c_improper_angle_d_na   ?     ? ? ? 'X-RAY DIFFRACTION' ? 
c_improper_angle_d_prot ?     ? ? ? 'X-RAY DIFFRACTION' ? 
c_mcbond_it             ?     ? ? ? 'X-RAY DIFFRACTION' ? 
c_mcangle_it            ?     ? ? ? 'X-RAY DIFFRACTION' ? 
c_scbond_it             ?     ? ? ? 'X-RAY DIFFRACTION' ? 
c_scangle_it            ?     ? ? ? 'X-RAY DIFFRACTION' ? 
# 
_refine_ls_shell.pdbx_total_number_of_bins_used   6 
_refine_ls_shell.d_res_high                       2.70 
_refine_ls_shell.d_res_low                        2.87 
_refine_ls_shell.number_reflns_R_work             283 
_refine_ls_shell.R_factor_R_work                  0.390 
_refine_ls_shell.percent_reflns_obs               100.0 
_refine_ls_shell.R_factor_R_free                  0.469 
_refine_ls_shell.R_factor_R_free_error            0.077 
_refine_ls_shell.percent_reflns_R_free            11.6 
_refine_ls_shell.number_reflns_R_free             37 
_refine_ls_shell.number_reflns_all                ? 
_refine_ls_shell.R_factor_all                     ? 
_refine_ls_shell.number_reflns_obs                ? 
_refine_ls_shell.redundancy_reflns_obs            ? 
_refine_ls_shell.pdbx_refine_id                   'X-RAY DIFFRACTION' 
# 
loop_
_pdbx_xplor_file.pdbx_refine_id 
_pdbx_xplor_file.serial_no 
_pdbx_xplor_file.param_file 
_pdbx_xplor_file.topol_file 
'X-RAY DIFFRACTION' 1 dna-rna_rep.param dna-rna.top 
'X-RAY DIFFRACTION' 2 water_rep.param   water.top   
'X-RAY DIFFRACTION' 3 formylu.param     formylu.top 
'X-RAY DIFFRACTION' 4 dapi.param        dapi.top    
'X-RAY DIFFRACTION' 5 noNH.param        noNH.top    
# 
_struct.entry_id                  3AJL 
_struct.title                     'Crystal structure of d(CGCGGATf5UCGCG): 5-Formyluridine:guanosine Base-pair in B-DNA with DAPI' 
_struct.pdbx_model_details        ? 
_struct.pdbx_CASP_flag            ? 
_struct.pdbx_model_type_details   ? 
# 
_struct_keywords.entry_id        3AJL 
_struct_keywords.pdbx_keywords   DNA 
_struct_keywords.text            'DOUBLE HELIX, DNA' 
# 
loop_
_struct_asym.id 
_struct_asym.pdbx_blank_PDB_chainid_flag 
_struct_asym.pdbx_modified 
_struct_asym.entity_id 
_struct_asym.details 
A N N 1 ? 
B N N 1 ? 
C N N 2 ? 
D N N 3 ? 
E N N 4 ? 
F N N 4 ? 
# 
_struct_biol.id        1 
_struct_biol.details   ? 
# 
loop_
_struct_conn.id 
_struct_conn.conn_type_id 
_struct_conn.pdbx_leaving_atom_flag 
_struct_conn.pdbx_PDB_id 
_struct_conn.ptnr1_label_asym_id 
_struct_conn.ptnr1_label_comp_id 
_struct_conn.ptnr1_label_seq_id 
_struct_conn.ptnr1_label_atom_id 
_struct_conn.pdbx_ptnr1_label_alt_id 
_struct_conn.pdbx_ptnr1_PDB_ins_code 
_struct_conn.pdbx_ptnr1_standard_comp_id 
_struct_conn.ptnr1_symmetry 
_struct_conn.ptnr2_label_asym_id 
_struct_conn.ptnr2_label_comp_id 
_struct_conn.ptnr2_label_seq_id 
_struct_conn.ptnr2_label_atom_id 
_struct_conn.pdbx_ptnr2_label_alt_id 
_struct_conn.pdbx_ptnr2_PDB_ins_code 
_struct_conn.ptnr1_auth_asym_id 
_struct_conn.ptnr1_auth_comp_id 
_struct_conn.ptnr1_auth_seq_id 
_struct_conn.ptnr2_auth_asym_id 
_struct_conn.ptnr2_auth_comp_id 
_struct_conn.ptnr2_auth_seq_id 
_struct_conn.ptnr2_symmetry 
_struct_conn.pdbx_ptnr3_label_atom_id 
_struct_conn.pdbx_ptnr3_label_seq_id 
_struct_conn.pdbx_ptnr3_label_comp_id 
_struct_conn.pdbx_ptnr3_label_asym_id 
_struct_conn.pdbx_ptnr3_label_alt_id 
_struct_conn.pdbx_ptnr3_PDB_ins_code 
_struct_conn.details 
_struct_conn.pdbx_dist_value 
_struct_conn.pdbx_value_order 
_struct_conn.pdbx_role 
covale1  covale both ? A DT  7  "O3'" ? ? ? 1_555 A UFR 8  P  ? ? A DT  7  A UFR 8   1_555 ? ? ? ? ? ? ?                1.602 ? ? 
covale2  covale both ? B DT  7  "O3'" ? ? ? 1_555 B UFR 8  P  ? ? B DT  19 B UFR 20  1_555 ? ? ? ? ? ? ?                1.608 ? ? 
metalc1  metalc ?    ? D MG  .  MG    ? ? ? 1_555 E HOH .  O  ? ? A MG  26 A HOH 140 1_555 ? ? ? ? ? ? ?                2.573 ? ? 
metalc2  metalc ?    ? D MG  .  MG    ? ? ? 1_555 E HOH .  O  ? ? A MG  26 A HOH 143 1_555 ? ? ? ? ? ? ?                2.176 ? ? 
hydrog1  hydrog ?    ? A DC  1  N3    ? ? ? 1_555 B DG  12 N1 ? ? A DC  1  B DG  24  1_555 ? ? ? ? ? ? WATSON-CRICK     ?     ? ? 
hydrog2  hydrog ?    ? A DC  1  N4    ? ? ? 1_555 B DG  12 O6 ? ? A DC  1  B DG  24  1_555 ? ? ? ? ? ? WATSON-CRICK     ?     ? ? 
hydrog3  hydrog ?    ? A DC  1  O2    ? ? ? 1_555 B DG  12 N2 ? ? A DC  1  B DG  24  1_555 ? ? ? ? ? ? WATSON-CRICK     ?     ? ? 
hydrog4  hydrog ?    ? A DG  2  N1    ? ? ? 1_555 B DC  11 N3 ? ? A DG  2  B DC  23  1_555 ? ? ? ? ? ? WATSON-CRICK     ?     ? ? 
hydrog5  hydrog ?    ? A DG  2  N2    ? ? ? 1_555 B DC  11 O2 ? ? A DG  2  B DC  23  1_555 ? ? ? ? ? ? WATSON-CRICK     ?     ? ? 
hydrog6  hydrog ?    ? A DG  2  O6    ? ? ? 1_555 B DC  11 N4 ? ? A DG  2  B DC  23  1_555 ? ? ? ? ? ? WATSON-CRICK     ?     ? ? 
hydrog7  hydrog ?    ? A DC  3  N3    ? ? ? 1_555 B DG  10 N1 ? ? A DC  3  B DG  22  1_555 ? ? ? ? ? ? WATSON-CRICK     ?     ? ? 
hydrog8  hydrog ?    ? A DC  3  N4    ? ? ? 1_555 B DG  10 O6 ? ? A DC  3  B DG  22  1_555 ? ? ? ? ? ? WATSON-CRICK     ?     ? ? 
hydrog9  hydrog ?    ? A DC  3  O2    ? ? ? 1_555 B DG  10 N2 ? ? A DC  3  B DG  22  1_555 ? ? ? ? ? ? WATSON-CRICK     ?     ? ? 
hydrog10 hydrog ?    ? A DG  4  N1    ? ? ? 1_555 B DC  9  N3 ? ? A DG  4  B DC  21  1_555 ? ? ? ? ? ? WATSON-CRICK     ?     ? ? 
hydrog11 hydrog ?    ? A DG  4  N2    ? ? ? 1_555 B DC  9  O2 ? ? A DG  4  B DC  21  1_555 ? ? ? ? ? ? WATSON-CRICK     ?     ? ? 
hydrog12 hydrog ?    ? A DG  4  O6    ? ? ? 1_555 B DC  9  N4 ? ? A DG  4  B DC  21  1_555 ? ? ? ? ? ? WATSON-CRICK     ?     ? ? 
hydrog13 hydrog ?    ? A DG  5  N1    ? ? ? 1_555 B UFR 8  O4 ? ? A DG  5  B UFR 20  1_555 ? ? ? ? ? ? 'DG-UFR MISPAIR' ?     ? ? 
hydrog14 hydrog ?    ? A DA  6  N1    ? ? ? 1_555 B DT  7  N3 ? ? A DA  6  B DT  19  1_555 ? ? ? ? ? ? WATSON-CRICK     ?     ? ? 
hydrog15 hydrog ?    ? A DA  6  N6    ? ? ? 1_555 B DT  7  O4 ? ? A DA  6  B DT  19  1_555 ? ? ? ? ? ? WATSON-CRICK     ?     ? ? 
hydrog16 hydrog ?    ? A DT  7  N3    ? ? ? 1_555 B DA  6  N1 ? ? A DT  7  B DA  18  1_555 ? ? ? ? ? ? WATSON-CRICK     ?     ? ? 
hydrog17 hydrog ?    ? A DT  7  O4    ? ? ? 1_555 B DA  6  N6 ? ? A DT  7  B DA  18  1_555 ? ? ? ? ? ? WATSON-CRICK     ?     ? ? 
hydrog18 hydrog ?    ? A UFR 8  O4    ? ? ? 1_555 B DG  5  N1 ? ? A UFR 8  B DG  17  1_555 ? ? ? ? ? ? 'UFR-DG MISPAIR' ?     ? ? 
hydrog19 hydrog ?    ? A DC  9  N3    ? ? ? 1_555 B DG  4  N1 ? ? A DC  9  B DG  16  1_555 ? ? ? ? ? ? WATSON-CRICK     ?     ? ? 
hydrog20 hydrog ?    ? A DC  9  N4    ? ? ? 1_555 B DG  4  O6 ? ? A DC  9  B DG  16  1_555 ? ? ? ? ? ? WATSON-CRICK     ?     ? ? 
hydrog21 hydrog ?    ? A DC  9  O2    ? ? ? 1_555 B DG  4  N2 ? ? A DC  9  B DG  16  1_555 ? ? ? ? ? ? WATSON-CRICK     ?     ? ? 
hydrog22 hydrog ?    ? A DG  10 N1    ? ? ? 1_555 B DC  3  N3 ? ? A DG  10 B DC  15  1_555 ? ? ? ? ? ? WATSON-CRICK     ?     ? ? 
hydrog23 hydrog ?    ? A DG  10 N2    ? ? ? 1_555 B DC  3  O2 ? ? A DG  10 B DC  15  1_555 ? ? ? ? ? ? WATSON-CRICK     ?     ? ? 
hydrog24 hydrog ?    ? A DG  10 O6    ? ? ? 1_555 B DC  3  N4 ? ? A DG  10 B DC  15  1_555 ? ? ? ? ? ? WATSON-CRICK     ?     ? ? 
hydrog25 hydrog ?    ? A DC  11 N3    ? ? ? 1_555 B DG  2  N1 ? ? A DC  11 B DG  14  1_555 ? ? ? ? ? ? WATSON-CRICK     ?     ? ? 
hydrog26 hydrog ?    ? A DC  11 N4    ? ? ? 1_555 B DG  2  O6 ? ? A DC  11 B DG  14  1_555 ? ? ? ? ? ? WATSON-CRICK     ?     ? ? 
hydrog27 hydrog ?    ? A DC  11 O2    ? ? ? 1_555 B DG  2  N2 ? ? A DC  11 B DG  14  1_555 ? ? ? ? ? ? WATSON-CRICK     ?     ? ? 
hydrog28 hydrog ?    ? A DG  12 N1    ? ? ? 1_555 B DC  1  N3 ? ? A DG  12 B DC  13  1_555 ? ? ? ? ? ? WATSON-CRICK     ?     ? ? 
hydrog29 hydrog ?    ? A DG  12 N2    ? ? ? 1_555 B DC  1  O2 ? ? A DG  12 B DC  13  1_555 ? ? ? ? ? ? WATSON-CRICK     ?     ? ? 
hydrog30 hydrog ?    ? A DG  12 O6    ? ? ? 1_555 B DC  1  N4 ? ? A DG  12 B DC  13  1_555 ? ? ? ? ? ? WATSON-CRICK     ?     ? ? 
# 
loop_
_struct_conn_type.id 
_struct_conn_type.criteria 
_struct_conn_type.reference 
covale ? ? 
metalc ? ? 
hydrog ? ? 
# 
loop_
_struct_site.id 
_struct_site.pdbx_evidence_code 
_struct_site.pdbx_auth_asym_id 
_struct_site.pdbx_auth_comp_id 
_struct_site.pdbx_auth_seq_id 
_struct_site.pdbx_auth_ins_code 
_struct_site.pdbx_num_residues 
_struct_site.details 
AC1 Software A DAP 25 ? 8 'BINDING SITE FOR RESIDUE DAP A 25' 
1   ?        ? ?   ?  ? ? ?                                   
# 
loop_
_struct_site_gen.id 
_struct_site_gen.site_id 
_struct_site_gen.pdbx_num_res 
_struct_site_gen.label_comp_id 
_struct_site_gen.label_asym_id 
_struct_site_gen.label_seq_id 
_struct_site_gen.pdbx_auth_ins_code 
_struct_site_gen.auth_comp_id 
_struct_site_gen.auth_asym_id 
_struct_site_gen.auth_seq_id 
_struct_site_gen.label_atom_id 
_struct_site_gen.label_alt_id 
_struct_site_gen.symmetry 
_struct_site_gen.details 
1 AC1 8 DA  A 6 ? DA  A 6  . ? 1_555 ? 
2 AC1 8 DT  A 7 ? DT  A 7  . ? 1_555 ? 
3 AC1 8 UFR A 8 ? UFR A 8  . ? 1_555 ? 
4 AC1 8 DC  A 9 ? DC  A 9  . ? 1_555 ? 
5 AC1 8 DA  B 6 ? DA  B 18 . ? 1_555 ? 
6 AC1 8 DT  B 7 ? DT  B 19 . ? 1_555 ? 
7 AC1 8 UFR B 8 ? UFR B 20 . ? 1_555 ? 
8 AC1 8 DC  B 9 ? DC  B 21 . ? 1_555 ? 
# 
_atom_sites.entry_id                    3AJL 
_atom_sites.fract_transf_matrix[1][1]   0.01678661 
_atom_sites.fract_transf_matrix[1][2]   -0.03630026 
_atom_sites.fract_transf_matrix[1][3]   -0.00031816 
_atom_sites.fract_transf_matrix[2][1]   -0.01649982 
_atom_sites.fract_transf_matrix[2][2]   -0.00748311 
_atom_sites.fract_transf_matrix[2][3]   -0.01677511 
_atom_sites.fract_transf_matrix[3][1]   0.00919867 
_atom_sites.fract_transf_matrix[3][2]   0.00435012 
_atom_sites.fract_transf_matrix[3][3]   -0.01098824 
_atom_sites.fract_transf_vector[1]      0.406260 
_atom_sites.fract_transf_vector[2]      0.017134 
_atom_sites.fract_transf_vector[3]      0.372808 
# 
loop_
_atom_type.symbol 
C  
MG 
N  
O  
P  
# 
loop_
_atom_site.group_PDB 
_atom_site.id 
_atom_site.type_symbol 
_atom_site.label_atom_id 
_atom_site.label_alt_id 
_atom_site.label_comp_id 
_atom_site.label_asym_id 
_atom_site.label_entity_id 
_atom_site.label_seq_id 
_atom_site.pdbx_PDB_ins_code 
_atom_site.Cartn_x 
_atom_site.Cartn_y 
_atom_site.Cartn_z 
_atom_site.occupancy 
_atom_site.B_iso_or_equiv 
_atom_site.pdbx_formal_charge 
_atom_site.auth_seq_id 
_atom_site.auth_comp_id 
_atom_site.auth_asym_id 
_atom_site.auth_atom_id 
_atom_site.pdbx_PDB_model_num 
ATOM   1   O  "O5'" . DC  A 1 1  ? -21.217 -4.278  1.753   1.00 45.57 ? 1   DC  A "O5'" 1 
ATOM   2   C  "C5'" . DC  A 1 1  ? -20.477 -4.763  2.891   1.00 45.16 ? 1   DC  A "C5'" 1 
ATOM   3   C  "C4'" . DC  A 1 1  ? -20.014 -3.606  3.747   1.00 42.71 ? 1   DC  A "C4'" 1 
ATOM   4   O  "O4'" . DC  A 1 1  ? -19.314 -4.089  4.916   1.00 39.38 ? 1   DC  A "O4'" 1 
ATOM   5   C  "C3'" . DC  A 1 1  ? -19.052 -2.654  3.040   1.00 42.78 ? 1   DC  A "C3'" 1 
ATOM   6   O  "O3'" . DC  A 1 1  ? -19.378 -1.314  3.395   1.00 45.10 ? 1   DC  A "O3'" 1 
ATOM   7   C  "C2'" . DC  A 1 1  ? -17.693 -3.043  3.590   1.00 39.37 ? 1   DC  A "C2'" 1 
ATOM   8   C  "C1'" . DC  A 1 1  ? -18.043 -3.460  5.001   1.00 39.29 ? 1   DC  A "C1'" 1 
ATOM   9   N  N1    . DC  A 1 1  ? -17.105 -4.420  5.598   1.00 38.41 ? 1   DC  A N1    1 
ATOM   10  C  C2    . DC  A 1 1  ? -16.614 -4.173  6.889   1.00 36.80 ? 1   DC  A C2    1 
ATOM   11  O  O2    . DC  A 1 1  ? -16.966 -3.140  7.476   1.00 39.04 ? 1   DC  A O2    1 
ATOM   12  N  N3    . DC  A 1 1  ? -15.775 -5.060  7.456   1.00 34.35 ? 1   DC  A N3    1 
ATOM   13  C  C4    . DC  A 1 1  ? -15.411 -6.152  6.783   1.00 35.10 ? 1   DC  A C4    1 
ATOM   14  N  N4    . DC  A 1 1  ? -14.582 -7.004  7.381   1.00 35.07 ? 1   DC  A N4    1 
ATOM   15  C  C5    . DC  A 1 1  ? -15.884 -6.422  5.464   1.00 35.35 ? 1   DC  A C5    1 
ATOM   16  C  C6    . DC  A 1 1  ? -16.722 -5.539  4.917   1.00 36.78 ? 1   DC  A C6    1 
ATOM   17  P  P     . DG  A 1 2  ? -18.595 -0.094  2.714   1.00 48.09 ? 2   DG  A P     1 
ATOM   18  O  OP1   . DG  A 1 2  ? -19.575 1.009   2.539   1.00 49.85 ? 2   DG  A OP1   1 
ATOM   19  O  OP2   . DG  A 1 2  ? -17.798 -0.569  1.547   1.00 48.31 ? 2   DG  A OP2   1 
ATOM   20  O  "O5'" . DG  A 1 2  ? -17.575 0.340   3.847   1.00 47.66 ? 2   DG  A "O5'" 1 
ATOM   21  C  "C5'" . DG  A 1 2  ? -18.036 0.912   5.059   1.00 44.86 ? 2   DG  A "C5'" 1 
ATOM   22  C  "C4'" . DG  A 1 2  ? -16.857 1.435   5.837   1.00 44.63 ? 2   DG  A "C4'" 1 
ATOM   23  O  "O4'" . DG  A 1 2  ? -16.096 0.325   6.371   1.00 43.27 ? 2   DG  A "O4'" 1 
ATOM   24  C  "C3'" . DG  A 1 2  ? -15.886 2.228   4.961   1.00 44.15 ? 2   DG  A "C3'" 1 
ATOM   25  O  "O3'" . DG  A 1 2  ? -15.361 3.324   5.701   1.00 45.72 ? 2   DG  A "O3'" 1 
ATOM   26  C  "C2'" . DG  A 1 2  ? -14.793 1.227   4.643   1.00 41.86 ? 2   DG  A "C2'" 1 
ATOM   27  C  "C1'" . DG  A 1 2  ? -14.749 0.410   5.917   1.00 40.75 ? 2   DG  A "C1'" 1 
ATOM   28  N  N9    . DG  A 1 2  ? -14.240 -0.945  5.744   1.00 35.95 ? 2   DG  A N9    1 
ATOM   29  C  C8    . DG  A 1 2  ? -14.330 -1.737  4.621   1.00 34.29 ? 2   DG  A C8    1 
ATOM   30  N  N7    . DG  A 1 2  ? -13.765 -2.904  4.772   1.00 32.93 ? 2   DG  A N7    1 
ATOM   31  C  C5    . DG  A 1 2  ? -13.277 -2.881  6.077   1.00 32.31 ? 2   DG  A C5    1 
ATOM   32  C  C6    . DG  A 1 2  ? -12.558 -3.868  6.818   1.00 31.08 ? 2   DG  A C6    1 
ATOM   33  O  O6    . DG  A 1 2  ? -12.204 -5.004  6.458   1.00 29.95 ? 2   DG  A O6    1 
ATOM   34  N  N1    . DG  A 1 2  ? -12.255 -3.419  8.102   1.00 27.54 ? 2   DG  A N1    1 
ATOM   35  C  C2    . DG  A 1 2  ? -12.594 -2.191  8.609   1.00 26.46 ? 2   DG  A C2    1 
ATOM   36  N  N2    . DG  A 1 2  ? -12.214 -1.951  9.871   1.00 25.39 ? 2   DG  A N2    1 
ATOM   37  N  N3    . DG  A 1 2  ? -13.256 -1.270  7.935   1.00 28.31 ? 2   DG  A N3    1 
ATOM   38  C  C4    . DG  A 1 2  ? -13.563 -1.678  6.686   1.00 31.88 ? 2   DG  A C4    1 
ATOM   39  P  P     . DC  A 1 3  ? -14.416 4.394   4.976   1.00 45.97 ? 3   DC  A P     1 
ATOM   40  O  OP1   . DC  A 1 3  ? -15.132 5.695   4.962   1.00 48.08 ? 3   DC  A OP1   1 
ATOM   41  O  OP2   . DC  A 1 3  ? -13.888 3.831   3.706   1.00 45.65 ? 3   DC  A OP2   1 
ATOM   42  O  "O5'" . DC  A 1 3  ? -13.217 4.519   6.003   1.00 42.94 ? 3   DC  A "O5'" 1 
ATOM   43  C  "C5'" . DC  A 1 3  ? -13.424 4.280   7.388   1.00 40.22 ? 3   DC  A "C5'" 1 
ATOM   44  C  "C4'" . DC  A 1 3  ? -12.130 3.823   8.010   1.00 40.23 ? 3   DC  A "C4'" 1 
ATOM   45  O  "O4'" . DC  A 1 3  ? -11.980 2.394   7.826   1.00 37.68 ? 3   DC  A "O4'" 1 
ATOM   46  C  "C3'" . DC  A 1 3  ? -10.925 4.474   7.328   1.00 40.94 ? 3   DC  A "C3'" 1 
ATOM   47  O  "O3'" . DC  A 1 3  ? -9.979  4.977   8.258   1.00 43.76 ? 3   DC  A "O3'" 1 
ATOM   48  C  "C2'" . DC  A 1 3  ? -10.294 3.347   6.539   1.00 39.80 ? 3   DC  A "C2'" 1 
ATOM   49  C  "C1'" . DC  A 1 3  ? -10.691 2.119   7.329   1.00 36.05 ? 3   DC  A "C1'" 1 
ATOM   50  N  N1    . DC  A 1 3  ? -10.766 0.925   6.480   1.00 34.30 ? 3   DC  A N1    1 
ATOM   51  C  C2    . DC  A 1 3  ? -10.217 -0.262  6.947   1.00 33.25 ? 3   DC  A C2    1 
ATOM   52  O  O2    . DC  A 1 3  ? -9.766  -0.298  8.096   1.00 34.17 ? 3   DC  A O2    1 
ATOM   53  N  N3    . DC  A 1 3  ? -10.186 -1.339  6.136   1.00 33.29 ? 3   DC  A N3    1 
ATOM   54  C  C4    . DC  A 1 3  ? -10.688 -1.261  4.903   1.00 34.57 ? 3   DC  A C4    1 
ATOM   55  N  N4    . DC  A 1 3  ? -10.617 -2.345  4.130   1.00 34.46 ? 3   DC  A N4    1 
ATOM   56  C  C5    . DC  A 1 3  ? -11.288 -0.067  4.410   1.00 34.62 ? 3   DC  A C5    1 
ATOM   57  C  C6    . DC  A 1 3  ? -11.317 0.989   5.231   1.00 34.34 ? 3   DC  A C6    1 
ATOM   58  P  P     . DG  A 1 4  ? -8.897  6.059   7.771   1.00 45.40 ? 4   DG  A P     1 
ATOM   59  O  OP1   . DG  A 1 4  ? -9.429  7.388   8.166   1.00 44.91 ? 4   DG  A OP1   1 
ATOM   60  O  OP2   . DG  A 1 4  ? -8.521  5.808   6.357   1.00 43.13 ? 4   DG  A OP2   1 
ATOM   61  O  "O5'" . DG  A 1 4  ? -7.640  5.704   8.679   1.00 46.44 ? 4   DG  A "O5'" 1 
ATOM   62  C  "C5'" . DG  A 1 4  ? -7.823  5.169   9.993   1.00 44.90 ? 4   DG  A "C5'" 1 
ATOM   63  C  "C4'" . DG  A 1 4  ? -6.701  4.213   10.326  1.00 43.40 ? 4   DG  A "C4'" 1 
ATOM   64  O  "O4'" . DG  A 1 4  ? -6.868  2.969   9.607   1.00 41.51 ? 4   DG  A "O4'" 1 
ATOM   65  C  "C3'" . DG  A 1 4  ? -5.313  4.730   9.957   1.00 43.65 ? 4   DG  A "C3'" 1 
ATOM   66  O  "O3'" . DG  A 1 4  ? -4.369  4.366   10.963  1.00 45.46 ? 4   DG  A "O3'" 1 
ATOM   67  C  "C2'" . DG  A 1 4  ? -5.013  4.033   8.639   1.00 40.00 ? 4   DG  A "C2'" 1 
ATOM   68  C  "C1'" . DG  A 1 4  ? -5.730  2.706   8.798   1.00 37.13 ? 4   DG  A "C1'" 1 
ATOM   69  N  N9    . DG  A 1 4  ? -6.211  2.125   7.547   1.00 33.27 ? 4   DG  A N9    1 
ATOM   70  C  C8    . DG  A 1 4  ? -6.833  2.789   6.516   1.00 31.25 ? 4   DG  A C8    1 
ATOM   71  N  N7    . DG  A 1 4  ? -7.185  1.999   5.536   1.00 29.05 ? 4   DG  A N7    1 
ATOM   72  C  C5    . DG  A 1 4  ? -6.763  0.737   5.938   1.00 28.79 ? 4   DG  A C5    1 
ATOM   73  C  C6    . DG  A 1 4  ? -6.870  -0.527  5.281   1.00 28.94 ? 4   DG  A C6    1 
ATOM   74  O  O6    . DG  A 1 4  ? -7.384  -0.787  4.178   1.00 27.97 ? 4   DG  A O6    1 
ATOM   75  N  N1    . DG  A 1 4  ? -6.305  -1.548  6.042   1.00 27.74 ? 4   DG  A N1    1 
ATOM   76  C  C2    . DG  A 1 4  ? -5.714  -1.378  7.272   1.00 28.48 ? 4   DG  A C2    1 
ATOM   77  N  N2    . DG  A 1 4  ? -5.226  -2.487  7.848   1.00 27.93 ? 4   DG  A N2    1 
ATOM   78  N  N3    . DG  A 1 4  ? -5.609  -0.210  7.893   1.00 27.54 ? 4   DG  A N3    1 
ATOM   79  C  C4    . DG  A 1 4  ? -6.151  0.797   7.174   1.00 29.46 ? 4   DG  A C4    1 
ATOM   80  P  P     . DG  A 1 5  ? -2.903  5.008   10.933  1.00 49.06 ? 5   DG  A P     1 
ATOM   81  O  OP1   . DG  A 1 5  ? -2.464  5.212   12.339  1.00 47.03 ? 5   DG  A OP1   1 
ATOM   82  O  OP2   . DG  A 1 5  ? -2.922  6.159   9.985   1.00 47.28 ? 5   DG  A OP2   1 
ATOM   83  O  "O5'" . DG  A 1 5  ? -2.018  3.847   10.307  1.00 47.01 ? 5   DG  A "O5'" 1 
ATOM   84  C  "C5'" . DG  A 1 5  ? -2.024  2.549   10.888  1.00 46.79 ? 5   DG  A "C5'" 1 
ATOM   85  C  "C4'" . DG  A 1 5  ? -1.356  1.571   9.955   1.00 47.85 ? 5   DG  A "C4'" 1 
ATOM   86  O  "O4'" . DG  A 1 5  ? -2.205  1.325   8.805   1.00 48.41 ? 5   DG  A "O4'" 1 
ATOM   87  C  "C3'" . DG  A 1 5  ? -0.033  2.100   9.398   1.00 48.53 ? 5   DG  A "C3'" 1 
ATOM   88  O  "O3'" . DG  A 1 5  ? 0.861   1.008   9.198   1.00 50.51 ? 5   DG  A "O3'" 1 
ATOM   89  C  "C2'" . DG  A 1 5  ? -0.436  2.643   8.039   1.00 47.80 ? 5   DG  A "C2'" 1 
ATOM   90  C  "C1'" . DG  A 1 5  ? -1.460  1.599   7.633   1.00 46.22 ? 5   DG  A "C1'" 1 
ATOM   91  N  N9    . DG  A 1 5  ? -2.374  1.967   6.557   1.00 42.21 ? 5   DG  A N9    1 
ATOM   92  C  C8    . DG  A 1 5  ? -2.849  3.218   6.231   1.00 42.03 ? 5   DG  A C8    1 
ATOM   93  N  N7    . DG  A 1 5  ? -3.584  3.218   5.150   1.00 42.33 ? 5   DG  A N7    1 
ATOM   94  C  C5    . DG  A 1 5  ? -3.609  1.882   4.752   1.00 40.85 ? 5   DG  A C5    1 
ATOM   95  C  C6    . DG  A 1 5  ? -4.246  1.247   3.628   1.00 40.10 ? 5   DG  A C6    1 
ATOM   96  O  O6    . DG  A 1 5  ? -4.937  1.764   2.720   1.00 40.00 ? 5   DG  A O6    1 
ATOM   97  N  N1    . DG  A 1 5  ? -4.008  -0.128  3.622   1.00 38.16 ? 5   DG  A N1    1 
ATOM   98  C  C2    . DG  A 1 5  ? -3.261  -0.802  4.564   1.00 36.96 ? 5   DG  A C2    1 
ATOM   99  N  N2    . DG  A 1 5  ? -3.143  -2.118  4.397   1.00 36.42 ? 5   DG  A N2    1 
ATOM   100 N  N3    . DG  A 1 5  ? -2.671  -0.228  5.595   1.00 37.03 ? 5   DG  A N3    1 
ATOM   101 C  C4    . DG  A 1 5  ? -2.883  1.101   5.625   1.00 40.09 ? 5   DG  A C4    1 
ATOM   102 P  P     . DA  A 1 6  ? 1.945   0.647   10.319  1.00 51.86 ? 6   DA  A P     1 
ATOM   103 O  OP1   . DA  A 1 6  ? 1.206   0.383   11.585  1.00 50.73 ? 6   DA  A OP1   1 
ATOM   104 O  OP2   . DA  A 1 6  ? 3.015   1.680   10.283  1.00 51.30 ? 6   DA  A OP2   1 
ATOM   105 O  "O5'" . DA  A 1 6  ? 2.531   -0.739  9.810   1.00 48.90 ? 6   DA  A "O5'" 1 
ATOM   106 C  "C5'" . DA  A 1 6  ? 1.771   -1.938  9.941   1.00 42.60 ? 6   DA  A "C5'" 1 
ATOM   107 C  "C4'" . DA  A 1 6  ? 1.946   -2.806  8.716   1.00 38.77 ? 6   DA  A "C4'" 1 
ATOM   108 O  "O4'" . DA  A 1 6  ? 1.127   -2.358  7.609   1.00 37.56 ? 6   DA  A "O4'" 1 
ATOM   109 C  "C3'" . DA  A 1 6  ? 3.374   -2.881  8.183   1.00 36.49 ? 6   DA  A "C3'" 1 
ATOM   110 O  "O3'" . DA  A 1 6  ? 3.668   -4.230  7.902   1.00 35.85 ? 6   DA  A "O3'" 1 
ATOM   111 C  "C2'" . DA  A 1 6  ? 3.334   -2.060  6.903   1.00 34.33 ? 6   DA  A "C2'" 1 
ATOM   112 C  "C1'" . DA  A 1 6  ? 1.911   -2.272  6.428   1.00 33.99 ? 6   DA  A "C1'" 1 
ATOM   113 N  N9    . DA  A 1 6  ? 1.350   -1.203  5.598   1.00 31.70 ? 6   DA  A N9    1 
ATOM   114 C  C8    . DA  A 1 6  ? 1.363   0.147   5.840   1.00 30.78 ? 6   DA  A C8    1 
ATOM   115 N  N7    . DA  A 1 6  ? 0.731   0.853   4.934   1.00 29.85 ? 6   DA  A N7    1 
ATOM   116 C  C5    . DA  A 1 6  ? 0.277   -0.094  4.028   1.00 30.55 ? 6   DA  A C5    1 
ATOM   117 C  C6    . DA  A 1 6  ? -0.476  0.012   2.836   1.00 31.68 ? 6   DA  A C6    1 
ATOM   118 N  N6    . DA  A 1 6  ? -0.925  1.170   2.337   1.00 30.71 ? 6   DA  A N6    1 
ATOM   119 N  N1    . DA  A 1 6  ? -0.758  -1.129  2.166   1.00 31.47 ? 6   DA  A N1    1 
ATOM   120 C  C2    . DA  A 1 6  ? -0.310  -2.289  2.668   1.00 31.33 ? 6   DA  A C2    1 
ATOM   121 N  N3    . DA  A 1 6  ? 0.401   -2.515  3.773   1.00 30.56 ? 6   DA  A N3    1 
ATOM   122 C  C4    . DA  A 1 6  ? 0.663   -1.364  4.416   1.00 30.74 ? 6   DA  A C4    1 
ATOM   123 P  P     . DT  A 1 7  ? 5.116   -4.620  7.371   1.00 37.79 ? 7   DT  A P     1 
ATOM   124 O  OP1   . DT  A 1 7  ? 5.426   -5.941  7.981   1.00 36.47 ? 7   DT  A OP1   1 
ATOM   125 O  OP2   . DT  A 1 7  ? 6.033   -3.470  7.584   1.00 38.84 ? 7   DT  A OP2   1 
ATOM   126 O  "O5'" . DT  A 1 7  ? 4.868   -4.794  5.813   1.00 36.18 ? 7   DT  A "O5'" 1 
ATOM   127 C  "C5'" . DT  A 1 7  ? 3.767   -5.556  5.363   1.00 35.25 ? 7   DT  A "C5'" 1 
ATOM   128 C  "C4'" . DT  A 1 7  ? 3.700   -5.556  3.857   1.00 35.31 ? 7   DT  A "C4'" 1 
ATOM   129 O  "O4'" . DT  A 1 7  ? 3.037   -4.371  3.360   1.00 35.31 ? 7   DT  A "O4'" 1 
ATOM   130 C  "C3'" . DT  A 1 7  ? 5.042   -5.648  3.134   1.00 35.22 ? 7   DT  A "C3'" 1 
ATOM   131 O  "O3'" . DT  A 1 7  ? 4.957   -6.706  2.184   1.00 36.79 ? 7   DT  A "O3'" 1 
ATOM   132 C  "C2'" . DT  A 1 7  ? 5.180   -4.291  2.455   1.00 34.76 ? 7   DT  A "C2'" 1 
ATOM   133 C  "C1'" . DT  A 1 7  ? 3.730   -3.898  2.221   1.00 35.74 ? 7   DT  A "C1'" 1 
ATOM   134 N  N1    . DT  A 1 7  ? 3.436   -2.448  2.077   1.00 36.26 ? 7   DT  A N1    1 
ATOM   135 C  C2    . DT  A 1 7  ? 2.672   -2.042  0.991   1.00 37.08 ? 7   DT  A C2    1 
ATOM   136 O  O2    . DT  A 1 7  ? 2.234   -2.815  0.156   1.00 38.87 ? 7   DT  A O2    1 
ATOM   137 N  N3    . DT  A 1 7  ? 2.440   -0.690  0.922   1.00 36.58 ? 7   DT  A N3    1 
ATOM   138 C  C4    . DT  A 1 7  ? 2.882   0.276   1.803   1.00 37.97 ? 7   DT  A C4    1 
ATOM   139 O  O4    . DT  A 1 7  ? 2.603   1.458   1.616   1.00 38.59 ? 7   DT  A O4    1 
ATOM   140 C  C5    . DT  A 1 7  ? 3.668   -0.216  2.915   1.00 37.64 ? 7   DT  A C5    1 
ATOM   141 C  C7    . DT  A 1 7  ? 4.174   0.768   3.922   1.00 36.40 ? 7   DT  A C7    1 
ATOM   142 C  C6    . DT  A 1 7  ? 3.904   -1.535  2.996   1.00 35.43 ? 7   DT  A C6    1 
HETATM 143 P  P     . UFR A 1 8  ? 6.279   -7.231  1.449   1.00 39.24 ? 8   UFR A P     1 
HETATM 144 O  O1P   . UFR A 1 8  ? 6.430   -8.701  1.649   1.00 38.12 ? 8   UFR A O1P   1 
HETATM 145 O  O2P   . UFR A 1 8  ? 7.386   -6.323  1.822   1.00 40.24 ? 8   UFR A O2P   1 
HETATM 146 O  "O5'" . UFR A 1 8  ? 5.908   -6.985  -0.073  1.00 37.48 ? 8   UFR A "O5'" 1 
HETATM 147 C  "C5'" . UFR A 1 8  ? 4.579   -7.190  -0.514  1.00 35.19 ? 8   UFR A "C5'" 1 
HETATM 148 C  "C4'" . UFR A 1 8  ? 4.333   -6.441  -1.799  1.00 34.31 ? 8   UFR A "C4'" 1 
HETATM 149 O  "O4'" . UFR A 1 8  ? 4.090   -5.036  -1.544  1.00 32.05 ? 8   UFR A "O4'" 1 
HETATM 150 C  "C3'" . UFR A 1 8  ? 5.473   -6.511  -2.821  1.00 34.23 ? 8   UFR A "C3'" 1 
HETATM 151 O  "O3'" . UFR A 1 8  ? 4.940   -6.867  -4.098  1.00 38.54 ? 8   UFR A "O3'" 1 
HETATM 152 C  "C2'" . UFR A 1 8  ? 6.015   -5.090  -2.848  1.00 33.76 ? 8   UFR A "C2'" 1 
HETATM 153 C  "C1'" . UFR A 1 8  ? 4.768   -4.286  -2.532  1.00 32.40 ? 8   UFR A "C1'" 1 
HETATM 154 N  N1    . UFR A 1 8  ? 4.964   -2.919  -2.022  1.00 33.45 ? 8   UFR A N1    1 
HETATM 155 C  C2    . UFR A 1 8  ? 4.249   -1.907  -2.641  1.00 33.53 ? 8   UFR A C2    1 
HETATM 156 O  O2    . UFR A 1 8  ? 3.525   -2.154  -3.585  1.00 35.65 ? 8   UFR A O2    1 
HETATM 157 N  N3    . UFR A 1 8  ? 4.376   -0.630  -2.174  1.00 32.53 ? 8   UFR A N3    1 
HETATM 158 C  C4    . UFR A 1 8  ? 5.182   -0.342  -1.142  1.00 32.72 ? 8   UFR A C4    1 
HETATM 159 O  O4    . UFR A 1 8  ? 5.219   0.845   -0.792  1.00 31.58 ? 8   UFR A O4    1 
HETATM 160 C  C5    . UFR A 1 8  ? 5.937   -1.396  -0.510  1.00 31.08 ? 8   UFR A C5    1 
HETATM 161 C  C6    . UFR A 1 8  ? 5.800   -2.637  -0.975  1.00 32.43 ? 8   UFR A C6    1 
HETATM 162 C  C7    . UFR A 1 8  ? 6.838   -1.069  0.642   1.00 30.62 ? 8   UFR A C7    1 
HETATM 163 O  O5    . UFR A 1 8  ? 6.958   0.080   1.067   1.00 29.89 ? 8   UFR A O5    1 
ATOM   164 P  P     . DC  A 1 9  ? 5.927   -7.203  -5.318  1.00 41.31 ? 9   DC  A P     1 
ATOM   165 O  OP1   . DC  A 1 9  ? 5.508   -8.502  -5.896  1.00 38.91 ? 9   DC  A OP1   1 
ATOM   166 O  OP2   . DC  A 1 9  ? 7.329   -7.012  -4.861  1.00 41.29 ? 9   DC  A OP2   1 
ATOM   167 O  "O5'" . DC  A 1 9  ? 5.552   -6.078  -6.370  1.00 40.43 ? 9   DC  A "O5'" 1 
ATOM   168 C  "C5'" . DC  A 1 9  ? 4.188   -5.824  -6.658  1.00 42.32 ? 9   DC  A "C5'" 1 
ATOM   169 C  "C4'" . DC  A 1 9  ? 4.044   -4.535  -7.427  1.00 45.19 ? 9   DC  A "C4'" 1 
ATOM   170 O  "O4'" . DC  A 1 9  ? 4.251   -3.379  -6.577  1.00 44.31 ? 9   DC  A "O4'" 1 
ATOM   171 C  "C3'" . DC  A 1 9  ? 4.995   -4.373  -8.610  1.00 47.33 ? 9   DC  A "C3'" 1 
ATOM   172 O  "O3'" . DC  A 1 9  ? 4.251   -3.883  -9.719  1.00 50.98 ? 9   DC  A "O3'" 1 
ATOM   173 C  "C2'" . DC  A 1 9  ? 5.983   -3.320  -8.134  1.00 45.23 ? 9   DC  A "C2'" 1 
ATOM   174 C  "C1'" . DC  A 1 9  ? 5.104   -2.466  -7.242  1.00 44.04 ? 9   DC  A "C1'" 1 
ATOM   175 N  N1    . DC  A 1 9  ? 5.808   -1.669  -6.224  1.00 43.50 ? 9   DC  A N1    1 
ATOM   176 C  C2    . DC  A 1 9  ? 5.545   -0.292  -6.148  1.00 43.60 ? 9   DC  A C2    1 
ATOM   177 O  O2    . DC  A 1 9  ? 4.739   0.212   -6.952  1.00 44.78 ? 9   DC  A O2    1 
ATOM   178 N  N3    . DC  A 1 9  ? 6.174   0.450   -5.205  1.00 43.16 ? 9   DC  A N3    1 
ATOM   179 C  C4    . DC  A 1 9  ? 7.040   -0.132  -4.365  1.00 42.34 ? 9   DC  A C4    1 
ATOM   180 N  N4    . DC  A 1 9  ? 7.636   0.634   -3.445  1.00 39.15 ? 9   DC  A N4    1 
ATOM   181 C  C5    . DC  A 1 9  ? 7.331   -1.527  -4.429  1.00 42.07 ? 9   DC  A C5    1 
ATOM   182 C  C6    . DC  A 1 9  ? 6.699   -2.251  -5.365  1.00 42.95 ? 9   DC  A C6    1 
ATOM   183 P  P     . DG  A 1 10 ? 4.484   -4.514  -11.174 1.00 54.33 ? 10  DG  A P     1 
ATOM   184 O  OP1   . DG  A 1 10 ? 3.197   -5.129  -11.585 1.00 52.56 ? 10  DG  A OP1   1 
ATOM   185 O  OP2   . DG  A 1 10 ? 5.729   -5.335  -11.164 1.00 50.80 ? 10  DG  A OP2   1 
ATOM   186 O  "O5'" . DG  A 1 10 ? 4.733   -3.229  -12.078 1.00 53.94 ? 10  DG  A "O5'" 1 
ATOM   187 C  "C5'" . DG  A 1 10 ? 3.909   -2.072  -11.949 1.00 52.29 ? 10  DG  A "C5'" 1 
ATOM   188 C  "C4'" . DG  A 1 10 ? 4.739   -0.820  -12.112 1.00 51.23 ? 10  DG  A "C4'" 1 
ATOM   189 O  "O4'" . DG  A 1 10 ? 5.380   -0.429  -10.871 1.00 49.86 ? 10  DG  A "O4'" 1 
ATOM   190 C  "C3'" . DG  A 1 10 ? 5.864   -0.938  -13.145 1.00 50.38 ? 10  DG  A "C3'" 1 
ATOM   191 O  "O3'" . DG  A 1 10 ? 6.018   0.315   -13.790 1.00 51.90 ? 10  DG  A "O3'" 1 
ATOM   192 C  "C2'" . DG  A 1 10 ? 7.091   -1.119  -12.276 1.00 49.13 ? 10  DG  A "C2'" 1 
ATOM   193 C  "C1'" . DG  A 1 10 ? 6.734   -0.141  -11.180 1.00 48.56 ? 10  DG  A "C1'" 1 
ATOM   194 N  N9    . DG  A 1 10 ? 7.528   -0.215  -9.964  1.00 46.65 ? 10  DG  A N9    1 
ATOM   195 C  C8    . DG  A 1 10 ? 8.227   -1.296  -9.479  1.00 47.30 ? 10  DG  A C8    1 
ATOM   196 N  N7    . DG  A 1 10 ? 8.860   -1.038  -8.367  1.00 45.59 ? 10  DG  A N7    1 
ATOM   197 C  C5    . DG  A 1 10 ? 8.555   0.292   -8.102  1.00 44.78 ? 10  DG  A C5    1 
ATOM   198 C  C6    . DG  A 1 10 ? 8.944   1.127   -7.029  1.00 43.26 ? 10  DG  A C6    1 
ATOM   199 O  O6    . DG  A 1 10 ? 9.663   0.858   -6.058  1.00 42.57 ? 10  DG  A O6    1 
ATOM   200 N  N1    . DG  A 1 10 ? 8.403   2.399   -7.157  1.00 42.66 ? 10  DG  A N1    1 
ATOM   201 C  C2    . DG  A 1 10 ? 7.592   2.818   -8.180  1.00 40.42 ? 10  DG  A C2    1 
ATOM   202 N  N2    . DG  A 1 10 ? 7.178   4.081   -8.115  1.00 36.76 ? 10  DG  A N2    1 
ATOM   203 N  N3    . DG  A 1 10 ? 7.221   2.052   -9.185  1.00 41.15 ? 10  DG  A N3    1 
ATOM   204 C  C4    . DG  A 1 10 ? 7.734   0.810   -9.082  1.00 44.84 ? 10  DG  A C4    1 
ATOM   205 P  P     . DC  A 1 11 ? 5.986   0.406   -15.384 1.00 54.34 ? 11  DC  A P     1 
ATOM   206 O  OP1   . DC  A 1 11 ? 4.840   -0.426  -15.826 1.00 53.18 ? 11  DC  A OP1   1 
ATOM   207 O  OP2   . DC  A 1 11 ? 7.348   0.157   -15.941 1.00 51.70 ? 11  DC  A OP2   1 
ATOM   208 O  "O5'" . DC  A 1 11 ? 5.607   1.933   -15.602 1.00 53.11 ? 11  DC  A "O5'" 1 
ATOM   209 C  "C5'" . DC  A 1 11 ? 4.586   2.539   -14.811 1.00 51.54 ? 11  DC  A "C5'" 1 
ATOM   210 C  "C4'" . DC  A 1 11 ? 5.064   3.869   -14.278 1.00 51.66 ? 11  DC  A "C4'" 1 
ATOM   211 O  "O4'" . DC  A 1 11 ? 5.947   3.695   -13.145 1.00 51.43 ? 11  DC  A "O4'" 1 
ATOM   212 C  "C3'" . DC  A 1 11 ? 5.849   4.691   -15.295 1.00 53.19 ? 11  DC  A "C3'" 1 
ATOM   213 O  "O3'" . DC  A 1 11 ? 5.466   6.061   -15.230 1.00 54.97 ? 11  DC  A "O3'" 1 
ATOM   214 C  "C2'" . DC  A 1 11 ? 7.296   4.522   -14.863 1.00 50.86 ? 11  DC  A "C2'" 1 
ATOM   215 C  "C1'" . DC  A 1 11 ? 7.163   4.399   -13.360 1.00 48.17 ? 11  DC  A "C1'" 1 
ATOM   216 N  N1    . DC  A 1 11 ? 8.238   3.644   -12.697 1.00 45.24 ? 11  DC  A N1    1 
ATOM   217 C  C2    . DC  A 1 11 ? 8.837   4.187   -11.561 1.00 43.37 ? 11  DC  A C2    1 
ATOM   218 O  O2    . DC  A 1 11 ? 8.499   5.316   -11.187 1.00 43.84 ? 11  DC  A O2    1 
ATOM   219 N  N3    . DC  A 1 11 ? 9.768   3.475   -10.897 1.00 43.36 ? 11  DC  A N3    1 
ATOM   220 C  C4    . DC  A 1 11 ? 10.115  2.266   -11.335 1.00 45.31 ? 11  DC  A C4    1 
ATOM   221 N  N4    . DC  A 1 11 ? 11.021  1.579   -10.627 1.00 45.01 ? 11  DC  A N4    1 
ATOM   222 C  C5    . DC  A 1 11 ? 9.547   1.700   -12.514 1.00 45.21 ? 11  DC  A C5    1 
ATOM   223 C  C6    . DC  A 1 11 ? 8.623   2.419   -13.160 1.00 44.40 ? 11  DC  A C6    1 
ATOM   224 P  P     . DG  A 1 12 ? 5.932   7.056   -16.395 1.00 56.74 ? 12  DG  A P     1 
ATOM   225 O  OP1   . DG  A 1 12 ? 4.742   7.883   -16.719 1.00 55.94 ? 12  DG  A OP1   1 
ATOM   226 O  OP2   . DG  A 1 12 ? 6.611   6.275   -17.469 1.00 54.99 ? 12  DG  A OP2   1 
ATOM   227 O  "O5'" . DG  A 1 12 ? 7.046   7.949   -15.694 1.00 54.45 ? 12  DG  A "O5'" 1 
ATOM   228 C  "C5'" . DG  A 1 12 ? 6.718   8.813   -14.616 1.00 52.71 ? 12  DG  A "C5'" 1 
ATOM   229 C  "C4'" . DG  A 1 12 ? 7.945   9.577   -14.181 1.00 52.30 ? 12  DG  A "C4'" 1 
ATOM   230 O  "O4'" . DG  A 1 12 ? 8.840   8.673   -13.493 1.00 50.11 ? 12  DG  A "O4'" 1 
ATOM   231 C  "C3'" . DG  A 1 12 ? 8.756   10.174  -15.335 1.00 52.01 ? 12  DG  A "C3'" 1 
ATOM   232 O  "O3'" . DG  A 1 12 ? 9.451   11.350  -14.926 1.00 53.45 ? 12  DG  A "O3'" 1 
ATOM   233 C  "C2'" . DG  A 1 12 ? 9.840   9.137   -15.559 1.00 50.13 ? 12  DG  A "C2'" 1 
ATOM   234 C  "C1'" . DG  A 1 12 ? 10.099  8.650   -14.147 1.00 47.47 ? 12  DG  A "C1'" 1 
ATOM   235 N  N9    . DG  A 1 12 ? 10.609  7.290   -14.066 1.00 44.60 ? 12  DG  A N9    1 
ATOM   236 C  C8    . DG  A 1 12 ? 10.378  6.269   -14.956 1.00 45.16 ? 12  DG  A C8    1 
ATOM   237 N  N7    . DG  A 1 12 ? 10.972  5.156   -14.623 1.00 43.59 ? 12  DG  A N7    1 
ATOM   238 C  C5    . DG  A 1 12 ? 11.633  5.461   -13.441 1.00 41.85 ? 12  DG  A C5    1 
ATOM   239 C  C6    . DG  A 1 12 ? 12.435  4.653   -12.614 1.00 39.79 ? 12  DG  A C6    1 
ATOM   240 O  O6    . DG  A 1 12 ? 12.737  3.470   -12.768 1.00 40.78 ? 12  DG  A O6    1 
ATOM   241 N  N1    . DG  A 1 12 ? 12.907  5.355   -11.511 1.00 37.80 ? 12  DG  A N1    1 
ATOM   242 C  C2    . DG  A 1 12 ? 12.635  6.672   -11.240 1.00 37.52 ? 12  DG  A C2    1 
ATOM   243 N  N2    . DG  A 1 12 ? 13.184  7.171   -10.126 1.00 36.54 ? 12  DG  A N2    1 
ATOM   244 N  N3    . DG  A 1 12 ? 11.883  7.440   -12.004 1.00 39.16 ? 12  DG  A N3    1 
ATOM   245 C  C4    . DG  A 1 12 ? 11.417  6.774   -13.083 1.00 42.46 ? 12  DG  A C4    1 
ATOM   246 O  "O5'" . DC  B 1 1  ? 20.852  2.582   -5.491  1.00 51.26 ? 13  DC  B "O5'" 1 
ATOM   247 C  "C5'" . DC  B 1 1  ? 19.937  2.896   -6.537  1.00 51.20 ? 13  DC  B "C5'" 1 
ATOM   248 C  "C4'" . DC  B 1 1  ? 19.175  4.163   -6.228  1.00 51.25 ? 13  DC  B "C4'" 1 
ATOM   249 O  "O4'" . DC  B 1 1  ? 18.238  4.430   -7.296  1.00 50.04 ? 13  DC  B "O4'" 1 
ATOM   250 C  "C3'" . DC  B 1 1  ? 18.343  4.109   -4.947  1.00 50.40 ? 13  DC  B "C3'" 1 
ATOM   251 O  "O3'" . DC  B 1 1  ? 18.318  5.404   -4.339  1.00 51.63 ? 13  DC  B "O3'" 1 
ATOM   252 C  "C2'" . DC  B 1 1  ? 16.965  3.712   -5.444  1.00 48.70 ? 13  DC  B "C2'" 1 
ATOM   253 C  "C1'" . DC  B 1 1  ? 16.902  4.394   -6.800  1.00 49.40 ? 13  DC  B "C1'" 1 
ATOM   254 N  N1    . DC  B 1 1  ? 16.086  3.693   -7.796  1.00 46.68 ? 13  DC  B N1    1 
ATOM   255 C  C2    . DC  B 1 1  ? 15.224  4.435   -8.611  1.00 45.42 ? 13  DC  B C2    1 
ATOM   256 O  O2    . DC  B 1 1  ? 15.132  5.657   -8.429  1.00 44.50 ? 13  DC  B O2    1 
ATOM   257 N  N3    . DC  B 1 1  ? 14.518  3.804   -9.574  1.00 44.57 ? 13  DC  B N3    1 
ATOM   258 C  C4    . DC  B 1 1  ? 14.642  2.484   -9.730  1.00 45.33 ? 13  DC  B C4    1 
ATOM   259 N  N4    . DC  B 1 1  ? 13.939  1.902   -10.697 1.00 45.09 ? 13  DC  B N4    1 
ATOM   260 C  C5    . DC  B 1 1  ? 15.495  1.702   -8.898  1.00 45.62 ? 13  DC  B C5    1 
ATOM   261 C  C6    . DC  B 1 1  ? 16.187  2.340   -7.949  1.00 46.06 ? 13  DC  B C6    1 
ATOM   262 P  P     . DG  B 1 2  ? 17.592  5.610   -2.917  1.00 53.46 ? 14  DG  B P     1 
ATOM   263 O  OP1   . DG  B 1 2  ? 18.519  6.394   -2.054  1.00 51.81 ? 14  DG  B OP1   1 
ATOM   264 O  OP2   . DG  B 1 2  ? 17.055  4.306   -2.439  1.00 54.04 ? 14  DG  B OP2   1 
ATOM   265 O  "O5'" . DG  B 1 2  ? 16.336  6.521   -3.256  1.00 48.67 ? 14  DG  B "O5'" 1 
ATOM   266 C  "C5'" . DG  B 1 2  ? 16.510  7.822   -3.773  1.00 43.92 ? 14  DG  B "C5'" 1 
ATOM   267 C  "C4'" . DG  B 1 2  ? 15.164  8.448   -4.037  1.00 43.01 ? 14  DG  B "C4'" 1 
ATOM   268 O  "O4'" . DG  B 1 2  ? 14.495  7.715   -5.086  1.00 42.51 ? 14  DG  B "O4'" 1 
ATOM   269 C  "C3'" . DG  B 1 2  ? 14.206  8.457   -2.850  1.00 40.86 ? 14  DG  B "C3'" 1 
ATOM   270 O  "O3'" . DG  B 1 2  ? 13.534  9.713   -2.838  1.00 39.21 ? 14  DG  B "O3'" 1 
ATOM   271 C  "C2'" . DG  B 1 2  ? 13.273  7.289   -3.126  1.00 39.80 ? 14  DG  B "C2'" 1 
ATOM   272 C  "C1'" . DG  B 1 2  ? 13.232  7.233   -4.643  1.00 40.75 ? 14  DG  B "C1'" 1 
ATOM   273 N  N9    . DG  B 1 2  ? 13.050  5.901   -5.219  1.00 39.61 ? 14  DG  B N9    1 
ATOM   274 C  C8    . DG  B 1 2  ? 13.616  4.725   -4.781  1.00 37.63 ? 14  DG  B C8    1 
ATOM   275 N  N7    . DG  B 1 2  ? 13.301  3.695   -5.523  1.00 37.37 ? 14  DG  B N7    1 
ATOM   276 C  C5    . DG  B 1 2  ? 12.466  4.216   -6.506  1.00 37.69 ? 14  DG  B C5    1 
ATOM   277 C  C6    . DG  B 1 2  ? 11.804  3.573   -7.593  1.00 36.91 ? 14  DG  B C6    1 
ATOM   278 O  O6    . DG  B 1 2  ? 11.826  2.377   -7.910  1.00 38.38 ? 14  DG  B O6    1 
ATOM   279 N  N1    . DG  B 1 2  ? 11.058  4.474   -8.345  1.00 33.39 ? 14  DG  B N1    1 
ATOM   280 C  C2    . DG  B 1 2  ? 10.953  5.817   -8.090  1.00 33.81 ? 14  DG  B C2    1 
ATOM   281 N  N2    . DG  B 1 2  ? 10.181  6.515   -8.943  1.00 32.46 ? 14  DG  B N2    1 
ATOM   282 N  N3    . DG  B 1 2  ? 11.558  6.430   -7.081  1.00 34.25 ? 14  DG  B N3    1 
ATOM   283 C  C4    . DG  B 1 2  ? 12.293  5.575   -6.335  1.00 37.47 ? 14  DG  B C4    1 
ATOM   284 P  P     . DC  B 1 3  ? 12.507  10.056  -1.663  1.00 39.44 ? 15  DC  B P     1 
ATOM   285 O  OP1   . DC  B 1 3  ? 12.777  11.423  -1.169  1.00 39.95 ? 15  DC  B OP1   1 
ATOM   286 O  OP2   . DC  B 1 3  ? 12.522  8.915   -0.716  1.00 40.20 ? 15  DC  B OP2   1 
ATOM   287 O  "O5'" . DC  B 1 3  ? 11.120  10.088  -2.429  1.00 38.99 ? 15  DC  B "O5'" 1 
ATOM   288 C  "C5'" . DC  B 1 3  ? 11.046  10.613  -3.749  1.00 37.22 ? 15  DC  B "C5'" 1 
ATOM   289 C  "C4'" . DC  B 1 3  ? 9.743   10.210  -4.389  1.00 36.22 ? 15  DC  B "C4'" 1 
ATOM   290 O  "O4'" . DC  B 1 3  ? 9.827   8.871   -4.946  1.00 35.26 ? 15  DC  B "O4'" 1 
ATOM   291 C  "C3'" . DC  B 1 3  ? 8.596   10.194  -3.383  1.00 37.58 ? 15  DC  B "C3'" 1 
ATOM   292 O  "O3'" . DC  B 1 3  ? 7.466   10.856  -3.917  1.00 41.46 ? 15  DC  B "O3'" 1 
ATOM   293 C  "C2'" . DC  B 1 3  ? 8.295   8.718   -3.192  1.00 36.76 ? 15  DC  B "C2'" 1 
ATOM   294 C  "C1'" . DC  B 1 3  ? 8.719   8.095   -4.511  1.00 34.36 ? 15  DC  B "C1'" 1 
ATOM   295 N  N1    . DC  B 1 3  ? 9.160   6.686   -4.371  1.00 33.63 ? 15  DC  B N1    1 
ATOM   296 C  C2    . DC  B 1 3  ? 8.802   5.736   -5.357  1.00 31.45 ? 15  DC  B C2    1 
ATOM   297 O  O2    . DC  B 1 3  ? 8.159   6.101   -6.350  1.00 32.77 ? 15  DC  B O2    1 
ATOM   298 N  N3    . DC  B 1 3  ? 9.170   4.444   -5.190  1.00 28.25 ? 15  DC  B N3    1 
ATOM   299 C  C4    . DC  B 1 3  ? 9.860   4.077   -4.106  1.00 27.22 ? 15  DC  B C4    1 
ATOM   300 N  N4    . DC  B 1 3  ? 10.188  2.789   -3.980  1.00 22.92 ? 15  DC  B N4    1 
ATOM   301 C  C5    . DC  B 1 3  ? 10.245  5.016   -3.105  1.00 28.09 ? 15  DC  B C5    1 
ATOM   302 C  C6    . DC  B 1 3  ? 9.888   6.297   -3.279  1.00 30.09 ? 15  DC  B C6    1 
ATOM   303 P  P     . DG  B 1 4  ? 6.307   11.375  -2.936  1.00 42.94 ? 16  DG  B P     1 
ATOM   304 O  OP1   . DG  B 1 4  ? 6.498   12.844  -2.807  1.00 43.43 ? 16  DG  B OP1   1 
ATOM   305 O  OP2   . DG  B 1 4  ? 6.255   10.526  -1.717  1.00 42.36 ? 16  DG  B OP2   1 
ATOM   306 O  "O5'" . DG  B 1 4  ? 5.006   11.102  -3.810  1.00 43.56 ? 16  DG  B "O5'" 1 
ATOM   307 C  "C5'" . DG  B 1 4  ? 5.058   11.275  -5.227  1.00 44.57 ? 16  DG  B "C5'" 1 
ATOM   308 C  "C4'" . DG  B 1 4  ? 4.112   10.319  -5.913  1.00 44.33 ? 16  DG  B "C4'" 1 
ATOM   309 O  "O4'" . DG  B 1 4  ? 4.639   8.969   -5.900  1.00 44.88 ? 16  DG  B "O4'" 1 
ATOM   310 C  "C3'" . DG  B 1 4  ? 2.734   10.245  -5.268  1.00 45.84 ? 16  DG  B "C3'" 1 
ATOM   311 O  "O3'" . DG  B 1 4  ? 1.740   10.229  -6.283  1.00 46.15 ? 16  DG  B "O3'" 1 
ATOM   312 C  "C2'" . DG  B 1 4  ? 2.764   8.935   -4.491  1.00 44.71 ? 16  DG  B "C2'" 1 
ATOM   313 C  "C1'" . DG  B 1 4  ? 3.697   8.068   -5.323  1.00 42.76 ? 16  DG  B "C1'" 1 
ATOM   314 N  N9    . DG  B 1 4  ? 4.449   7.072   -4.559  1.00 40.07 ? 16  DG  B N9    1 
ATOM   315 C  C8    . DG  B 1 4  ? 5.062   7.263   -3.344  1.00 38.01 ? 16  DG  B C8    1 
ATOM   316 N  N7    . DG  B 1 4  ? 5.688   6.201   -2.910  1.00 36.11 ? 16  DG  B N7    1 
ATOM   317 C  C5    . DG  B 1 4  ? 5.476   5.243   -3.894  1.00 35.86 ? 16  DG  B C5    1 
ATOM   318 C  C6    . DG  B 1 4  ? 5.922   3.894   -3.975  1.00 34.49 ? 16  DG  B C6    1 
ATOM   319 O  O6    . DG  B 1 4  ? 6.614   3.261   -3.171  1.00 34.26 ? 16  DG  B O6    1 
ATOM   320 N  N1    . DG  B 1 4  ? 5.482   3.277   -5.140  1.00 33.89 ? 16  DG  B N1    1 
ATOM   321 C  C2    . DG  B 1 4  ? 4.713   3.875   -6.108  1.00 35.00 ? 16  DG  B C2    1 
ATOM   322 N  N2    . DG  B 1 4  ? 4.395   3.101   -7.158  1.00 35.16 ? 16  DG  B N2    1 
ATOM   323 N  N3    . DG  B 1 4  ? 4.289   5.135   -6.050  1.00 35.07 ? 16  DG  B N3    1 
ATOM   324 C  C4    . DG  B 1 4  ? 4.706   5.756   -4.920  1.00 37.82 ? 16  DG  B C4    1 
ATOM   325 P  P     . DG  B 1 5  ? 0.205   10.400  -5.879  1.00 48.28 ? 17  DG  B P     1 
ATOM   326 O  OP1   . DG  B 1 5  ? -0.430  11.170  -6.982  1.00 48.85 ? 17  DG  B OP1   1 
ATOM   327 O  OP2   . DG  B 1 5  ? 0.110   10.894  -4.475  1.00 47.29 ? 17  DG  B OP2   1 
ATOM   328 O  "O5'" . DG  B 1 5  ? -0.347  8.911   -5.907  1.00 47.52 ? 17  DG  B "O5'" 1 
ATOM   329 C  "C5'" . DG  B 1 5  ? 0.017   8.022   -6.952  1.00 45.52 ? 17  DG  B "C5'" 1 
ATOM   330 C  "C4'" . DG  B 1 5  ? -0.185  6.599   -6.500  1.00 43.68 ? 17  DG  B "C4'" 1 
ATOM   331 O  "O4'" . DG  B 1 5  ? 0.842   6.200   -5.560  1.00 42.26 ? 17  DG  B "O4'" 1 
ATOM   332 C  "C3'" . DG  B 1 5  ? -1.517  6.378   -5.782  1.00 43.09 ? 17  DG  B "C3'" 1 
ATOM   333 O  "O3'" . DG  B 1 5  ? -1.995  5.093   -6.127  1.00 45.85 ? 17  DG  B "O3'" 1 
ATOM   334 C  "C2'" . DG  B 1 5  ? -1.115  6.320   -4.324  1.00 42.34 ? 17  DG  B "C2'" 1 
ATOM   335 C  "C1'" . DG  B 1 5  ? 0.183   5.570   -4.477  1.00 41.03 ? 17  DG  B "C1'" 1 
ATOM   336 N  N9    . DG  B 1 5  ? 1.066   5.543   -3.318  1.00 39.02 ? 17  DG  B N9    1 
ATOM   337 C  C8    . DG  B 1 5  ? 1.219   6.496   -2.342  1.00 38.24 ? 17  DG  B C8    1 
ATOM   338 N  N7    . DG  B 1 5  ? 2.057   6.135   -1.407  1.00 37.87 ? 17  DG  B N7    1 
ATOM   339 C  C5    . DG  B 1 5  ? 2.491   4.875   -1.800  1.00 35.94 ? 17  DG  B C5    1 
ATOM   340 C  C6    . DG  B 1 5  ? 3.404   3.978   -1.186  1.00 35.30 ? 17  DG  B C6    1 
ATOM   341 O  O6    . DG  B 1 5  ? 4.039   4.124   -0.129  1.00 33.74 ? 17  DG  B O6    1 
ATOM   342 N  N1    . DG  B 1 5  ? 3.545   2.807   -1.931  1.00 35.52 ? 17  DG  B N1    1 
ATOM   343 C  C2    . DG  B 1 5  ? 2.882   2.537   -3.112  1.00 36.10 ? 17  DG  B C2    1 
ATOM   344 N  N2    . DG  B 1 5  ? 3.127   1.357   -3.691  1.00 36.14 ? 17  DG  B N2    1 
ATOM   345 N  N3    . DG  B 1 5  ? 2.038   3.363   -3.683  1.00 35.74 ? 17  DG  B N3    1 
ATOM   346 C  C4    . DG  B 1 5  ? 1.892   4.502   -2.980  1.00 36.94 ? 17  DG  B C4    1 
ATOM   347 P  P     . DA  B 1 6  ? -3.405  4.936   -6.854  1.00 45.64 ? 18  DA  B P     1 
ATOM   348 O  OP1   . DA  B 1 6  ? -3.387  5.817   -8.051  1.00 44.76 ? 18  DA  B OP1   1 
ATOM   349 O  OP2   . DA  B 1 6  ? -4.484  5.072   -5.837  1.00 43.40 ? 18  DA  B OP2   1 
ATOM   350 O  "O5'" . DA  B 1 6  ? -3.350  3.436   -7.357  1.00 44.56 ? 18  DA  B "O5'" 1 
ATOM   351 C  "C5'" . DA  B 1 6  ? -2.241  2.968   -8.110  1.00 42.06 ? 18  DA  B "C5'" 1 
ATOM   352 C  "C4'" . DA  B 1 6  ? -1.954  1.540   -7.725  1.00 42.59 ? 18  DA  B "C4'" 1 
ATOM   353 O  "O4'" . DA  B 1 6  ? -1.128  1.481   -6.537  1.00 41.52 ? 18  DA  B "O4'" 1 
ATOM   354 C  "C3'" . DA  B 1 6  ? -3.218  0.749   -7.403  1.00 43.75 ? 18  DA  B "C3'" 1 
ATOM   355 O  "O3'" . DA  B 1 6  ? -3.098  -0.549  -7.970  1.00 47.30 ? 18  DA  B "O3'" 1 
ATOM   356 C  "C2'" . DA  B 1 6  ? -3.246  0.710   -5.880  1.00 41.05 ? 18  DA  B "C2'" 1 
ATOM   357 C  "C1'" . DA  B 1 6  ? -1.769  0.713   -5.522  1.00 37.45 ? 18  DA  B "C1'" 1 
ATOM   358 N  N9    . DA  B 1 6  ? -1.430  1.327   -4.236  1.00 32.35 ? 18  DA  B N9    1 
ATOM   359 C  C8    . DA  B 1 6  ? -1.813  2.557   -3.770  1.00 30.65 ? 18  DA  B C8    1 
ATOM   360 N  N7    . DA  B 1 6  ? -1.280  2.875   -2.615  1.00 28.87 ? 18  DA  B N7    1 
ATOM   361 C  C5    . DA  B 1 6  ? -0.509  1.771   -2.287  1.00 27.33 ? 18  DA  B C5    1 
ATOM   362 C  C6    . DA  B 1 6  ? 0.318   1.485   -1.185  1.00 26.88 ? 18  DA  B C6    1 
ATOM   363 N  N6    . DA  B 1 6  ? 0.517   2.325   -0.165  1.00 23.77 ? 18  DA  B N6    1 
ATOM   364 N  N1    . DA  B 1 6  ? 0.945   0.288   -1.167  1.00 26.56 ? 18  DA  B N1    1 
ATOM   365 C  C2    . DA  B 1 6  ? 0.752   -0.553  -2.186  1.00 25.50 ? 18  DA  B C2    1 
ATOM   366 N  N3    . DA  B 1 6  ? 0.008   -0.399  -3.273  1.00 27.87 ? 18  DA  B N3    1 
ATOM   367 C  C4    . DA  B 1 6  ? -0.605  0.801   -3.266  1.00 29.68 ? 18  DA  B C4    1 
ATOM   368 P  P     . DT  B 1 7  ? -4.357  -1.532  -7.986  1.00 47.93 ? 19  DT  B P     1 
ATOM   369 O  OP1   . DT  B 1 7  ? -4.224  -2.302  -9.247  1.00 48.03 ? 19  DT  B OP1   1 
ATOM   370 O  OP2   . DT  B 1 7  ? -5.608  -0.771  -7.708  1.00 48.91 ? 19  DT  B OP2   1 
ATOM   371 O  "O5'" . DT  B 1 7  ? -4.035  -2.512  -6.780  1.00 47.99 ? 19  DT  B "O5'" 1 
ATOM   372 C  "C5'" . DT  B 1 7  ? -2.801  -3.214  -6.762  1.00 48.54 ? 19  DT  B "C5'" 1 
ATOM   373 C  "C4'" . DT  B 1 7  ? -2.623  -3.937  -5.450  1.00 50.40 ? 19  DT  B "C4'" 1 
ATOM   374 O  "O4'" . DT  B 1 7  ? -2.220  -3.027  -4.394  1.00 50.53 ? 19  DT  B "O4'" 1 
ATOM   375 C  "C3'" . DT  B 1 7  ? -3.875  -4.655  -4.947  1.00 51.07 ? 19  DT  B "C3'" 1 
ATOM   376 O  "O3'" . DT  B 1 7  ? -3.540  -5.993  -4.586  1.00 53.58 ? 19  DT  B "O3'" 1 
ATOM   377 C  "C2'" . DT  B 1 7  ? -4.275  -3.860  -3.711  1.00 50.87 ? 19  DT  B "C2'" 1 
ATOM   378 C  "C1'" . DT  B 1 7  ? -2.929  -3.359  -3.211  1.00 49.02 ? 19  DT  B "C1'" 1 
ATOM   379 N  N1    . DT  B 1 7  ? -2.951  -2.168  -2.305  1.00 46.60 ? 19  DT  B N1    1 
ATOM   380 C  C2    . DT  B 1 7  ? -2.166  -2.197  -1.161  1.00 44.43 ? 19  DT  B C2    1 
ATOM   381 O  O2    . DT  B 1 7  ? -1.447  -3.139  -0.867  1.00 45.21 ? 19  DT  B O2    1 
ATOM   382 N  N3    . DT  B 1 7  ? -2.256  -1.074  -0.369  1.00 42.40 ? 19  DT  B N3    1 
ATOM   383 C  C4    . DT  B 1 7  ? -3.028  0.048   -0.598  1.00 43.02 ? 19  DT  B C4    1 
ATOM   384 O  O4    . DT  B 1 7  ? -3.006  0.979   0.204   1.00 40.65 ? 19  DT  B O4    1 
ATOM   385 C  C5    . DT  B 1 7  ? -3.820  0.016   -1.814  1.00 43.59 ? 19  DT  B C5    1 
ATOM   386 C  C7    . DT  B 1 7  ? -4.687  1.189   -2.145  1.00 42.20 ? 19  DT  B C7    1 
ATOM   387 C  C6    . DT  B 1 7  ? -3.739  -1.072  -2.595  1.00 44.73 ? 19  DT  B C6    1 
HETATM 388 P  P     . UFR B 1 8  ? -4.699  -7.100  -4.455  1.00 56.56 ? 20  UFR B P     1 
HETATM 389 O  O1P   . UFR B 1 8  ? -4.465  -8.088  -5.540  1.00 58.67 ? 20  UFR B O1P   1 
HETATM 390 O  O2P   . UFR B 1 8  ? -6.039  -6.461  -4.310  1.00 54.68 ? 20  UFR B O2P   1 
HETATM 391 O  "O5'" . UFR B 1 8  ? -4.296  -7.802  -3.100  1.00 53.42 ? 20  UFR B "O5'" 1 
HETATM 392 C  "C5'" . UFR B 1 8  ? -2.924  -8.023  -2.837  1.00 52.60 ? 20  UFR B "C5'" 1 
HETATM 393 C  "C4'" . UFR B 1 8  ? -2.650  -7.929  -1.357  1.00 51.97 ? 20  UFR B "C4'" 1 
HETATM 394 O  "O4'" . UFR B 1 8  ? -2.741  -6.570  -0.853  1.00 52.41 ? 20  UFR B "O4'" 1 
HETATM 395 C  "C3'" . UFR B 1 8  ? -3.583  -8.764  -0.491  1.00 50.69 ? 20  UFR B "C3'" 1 
HETATM 396 O  "O3'" . UFR B 1 8  ? -2.779  -9.538  0.368   1.00 48.74 ? 20  UFR B "O3'" 1 
HETATM 397 C  "C2'" . UFR B 1 8  ? -4.394  -7.734  0.288   1.00 51.27 ? 20  UFR B "C2'" 1 
HETATM 398 C  "C1'" . UFR B 1 8  ? -3.406  -6.589  0.400   1.00 51.48 ? 20  UFR B "C1'" 1 
HETATM 399 N  N1    . UFR B 1 8  ? -3.954  -5.243  0.654   1.00 50.89 ? 20  UFR B N1    1 
HETATM 400 C  C2    . UFR B 1 8  ? -3.440  -4.523  1.736   1.00 50.63 ? 20  UFR B C2    1 
HETATM 401 O  O2    . UFR B 1 8  ? -2.589  -5.006  2.469   1.00 49.31 ? 20  UFR B O2    1 
HETATM 402 N  N3    . UFR B 1 8  ? -3.909  -3.261  1.963   1.00 50.69 ? 20  UFR B N3    1 
HETATM 403 C  C4    . UFR B 1 8  ? -4.846  -2.711  1.177   1.00 51.72 ? 20  UFR B C4    1 
HETATM 404 O  O4    . UFR B 1 8  ? -5.195  -1.559  1.461   1.00 50.95 ? 20  UFR B O4    1 
HETATM 405 C  C5    . UFR B 1 8  ? -5.382  -3.461  0.074   1.00 52.71 ? 20  UFR B C5    1 
HETATM 406 C  C6    . UFR B 1 8  ? -4.920  -4.693  -0.140  1.00 51.45 ? 20  UFR B C6    1 
HETATM 407 C  C7    . UFR B 1 8  ? -6.431  -2.832  -0.793  1.00 55.68 ? 20  UFR B C7    1 
HETATM 408 O  O5    . UFR B 1 8  ? -6.846  -1.688  -0.578  1.00 58.84 ? 20  UFR B O5    1 
ATOM   409 P  P     . DC  B 1 9  ? -3.469  -10.603 1.319   1.00 52.40 ? 21  DC  B P     1 
ATOM   410 O  OP1   . DC  B 1 9  ? -2.534  -11.753 1.466   1.00 50.98 ? 21  DC  B OP1   1 
ATOM   411 O  OP2   . DC  B 1 9  ? -4.835  -10.820 0.777   1.00 51.09 ? 21  DC  B OP2   1 
ATOM   412 O  "O5'" . DC  B 1 9  ? -3.548  -9.832  2.710   1.00 49.73 ? 21  DC  B "O5'" 1 
ATOM   413 C  "C5'" . DC  B 1 9  ? -2.357  -9.383  3.335   1.00 47.95 ? 21  DC  B "C5'" 1 
ATOM   414 C  "C4'" . DC  B 1 9  ? -2.662  -8.815  4.696   1.00 46.37 ? 21  DC  B "C4'" 1 
ATOM   415 O  "O4'" . DC  B 1 9  ? -3.207  -7.479  4.584   1.00 45.94 ? 21  DC  B "O4'" 1 
ATOM   416 C  "C3'" . DC  B 1 9  ? -3.677  -9.633  5.489   1.00 47.18 ? 21  DC  B "C3'" 1 
ATOM   417 O  "O3'" . DC  B 1 9  ? -3.213  -9.767  6.820   1.00 50.34 ? 21  DC  B "O3'" 1 
ATOM   418 C  "C2'" . DC  B 1 9  ? -4.935  -8.780  5.459   1.00 45.37 ? 21  DC  B "C2'" 1 
ATOM   419 C  "C1'" . DC  B 1 9  ? -4.374  -7.371  5.388   1.00 42.50 ? 21  DC  B "C1'" 1 
ATOM   420 N  N1    . DC  B 1 9  ? -5.259  -6.371  4.760   1.00 37.66 ? 21  DC  B N1    1 
ATOM   421 C  C2    . DC  B 1 9  ? -5.438  -5.126  5.394   1.00 37.02 ? 21  DC  B C2    1 
ATOM   422 O  O2    . DC  B 1 9  ? -4.889  -4.923  6.494   1.00 37.01 ? 21  DC  B O2    1 
ATOM   423 N  N3    . DC  B 1 9  ? -6.205  -4.184  4.791   1.00 32.53 ? 21  DC  B N3    1 
ATOM   424 C  C4    . DC  B 1 9  ? -6.787  -4.451  3.620   1.00 29.48 ? 21  DC  B C4    1 
ATOM   425 N  N4    . DC  B 1 9  ? -7.515  -3.494  3.055   1.00 27.00 ? 21  DC  B N4    1 
ATOM   426 C  C5    . DC  B 1 9  ? -6.644  -5.713  2.975   1.00 31.26 ? 21  DC  B C5    1 
ATOM   427 C  C6    . DC  B 1 9  ? -5.880  -6.634  3.574   1.00 33.81 ? 21  DC  B C6    1 
ATOM   428 P  P     . DG  B 1 10 ? -3.560  -11.089 7.654   1.00 52.90 ? 22  DG  B P     1 
ATOM   429 O  OP1   . DG  B 1 10 ? -2.250  -11.620 8.116   1.00 52.15 ? 22  DG  B OP1   1 
ATOM   430 O  OP2   . DG  B 1 10 ? -4.494  -11.976 6.903   1.00 49.76 ? 22  DG  B OP2   1 
ATOM   431 O  "O5'" . DG  B 1 10 ? -4.318  -10.487 8.914   1.00 52.65 ? 22  DG  B "O5'" 1 
ATOM   432 C  "C5'" . DG  B 1 10 ? -3.795  -9.346  9.587   1.00 51.23 ? 22  DG  B "C5'" 1 
ATOM   433 C  "C4'" . DG  B 1 10 ? -4.922  -8.537  10.178  1.00 50.83 ? 22  DG  B "C4'" 1 
ATOM   434 O  "O4'" . DG  B 1 10 ? -5.539  -7.662  9.203   1.00 49.96 ? 22  DG  B "O4'" 1 
ATOM   435 C  "C3'" . DG  B 1 10 ? -6.057  -9.388  10.747  1.00 51.27 ? 22  DG  B "C3'" 1 
ATOM   436 O  "O3'" . DG  B 1 10 ? -6.553  -8.711  11.885  1.00 54.80 ? 22  DG  B "O3'" 1 
ATOM   437 C  "C2'" . DG  B 1 10 ? -7.116  -9.304  9.665   1.00 48.81 ? 22  DG  B "C2'" 1 
ATOM   438 C  "C1'" . DG  B 1 10 ? -6.941  -7.852  9.286   1.00 47.65 ? 22  DG  B "C1'" 1 
ATOM   439 N  N9    . DG  B 1 10 ? -7.562  -7.399  8.046   1.00 44.27 ? 22  DG  B N9    1 
ATOM   440 C  C8    . DG  B 1 10 ? -7.880  -8.147  6.937   1.00 44.06 ? 22  DG  B C8    1 
ATOM   441 N  N7    . DG  B 1 10 ? -8.474  -7.451  6.005   1.00 41.42 ? 22  DG  B N7    1 
ATOM   442 C  C5    . DG  B 1 10 ? -8.542  -6.166  6.529   1.00 40.76 ? 22  DG  B C5    1 
ATOM   443 C  C6    . DG  B 1 10 ? -9.082  -4.975  5.979   1.00 40.66 ? 22  DG  B C6    1 
ATOM   444 O  O6    . DG  B 1 10 ? -9.636  -4.815  4.888   1.00 42.98 ? 22  DG  B O6    1 
ATOM   445 N  N1    . DG  B 1 10 ? -8.934  -3.897  6.843   1.00 38.07 ? 22  DG  B N1    1 
ATOM   446 C  C2    . DG  B 1 10 ? -8.350  -3.955  8.080   1.00 38.37 ? 22  DG  B C2    1 
ATOM   447 N  N2    . DG  B 1 10 ? -8.310  -2.805  8.763   1.00 38.13 ? 22  DG  B N2    1 
ATOM   448 N  N3    . DG  B 1 10 ? -7.845  -5.056  8.607   1.00 38.20 ? 22  DG  B N3    1 
ATOM   449 C  C4    . DG  B 1 10 ? -7.974  -6.116  7.782   1.00 41.10 ? 22  DG  B C4    1 
ATOM   450 P  P     . DC  B 1 11 ? -6.470  -9.396  13.324  1.00 58.47 ? 23  DC  B P     1 
ATOM   451 O  OP1   . DC  B 1 11 ? -5.080  -9.887  13.514  1.00 58.40 ? 23  DC  B OP1   1 
ATOM   452 O  OP2   . DC  B 1 11 ? -7.621  -10.332 13.466  1.00 55.02 ? 23  DC  B OP2   1 
ATOM   453 O  "O5'" . DC  B 1 11 ? -6.684  -8.148  14.284  1.00 56.97 ? 23  DC  B "O5'" 1 
ATOM   454 C  "C5'" . DC  B 1 11 ? -6.015  -6.913  14.023  1.00 54.07 ? 23  DC  B "C5'" 1 
ATOM   455 C  "C4'" . DC  B 1 11 ? -7.000  -5.769  14.083  1.00 51.84 ? 23  DC  B "C4'" 1 
ATOM   456 O  "O4'" . DC  B 1 11 ? -7.654  -5.549  12.809  1.00 49.24 ? 23  DC  B "O4'" 1 
ATOM   457 C  "C3'" . DC  B 1 11 ? -8.118  -5.988  15.100  1.00 51.66 ? 23  DC  B "C3'" 1 
ATOM   458 O  "O3'" . DC  B 1 11 ? -8.385  -4.781  15.796  1.00 54.83 ? 23  DC  B "O3'" 1 
ATOM   459 C  "C2'" . DC  B 1 11 ? -9.312  -6.344  14.237  1.00 49.08 ? 23  DC  B "C2'" 1 
ATOM   460 C  "C1'" . DC  B 1 11 ? -9.055  -5.492  13.015  1.00 47.09 ? 23  DC  B "C1'" 1 
ATOM   461 N  N1    . DC  B 1 11 ? -9.726  -5.953  11.789  1.00 43.17 ? 23  DC  B N1    1 
ATOM   462 C  C2    . DC  B 1 11 ? -10.480 -5.038  11.057  1.00 40.02 ? 23  DC  B C2    1 
ATOM   463 O  O2    . DC  B 1 11 ? -10.556 -3.871  11.455  1.00 38.57 ? 23  DC  B O2    1 
ATOM   464 N  N3    . DC  B 1 11 ? -11.105 -5.446  9.934   1.00 40.99 ? 23  DC  B N3    1 
ATOM   465 C  C4    . DC  B 1 11 ? -11.000 -6.715  9.535   1.00 41.64 ? 23  DC  B C4    1 
ATOM   466 N  N4    . DC  B 1 11 ? -11.635 -7.071  8.418   1.00 39.94 ? 23  DC  B N4    1 
ATOM   467 C  C5    . DC  B 1 11 ? -10.237 -7.673  10.261  1.00 41.85 ? 23  DC  B C5    1 
ATOM   468 C  C6    . DC  B 1 11 ? -9.620  -7.251  11.372  1.00 42.78 ? 23  DC  B C6    1 
ATOM   469 P  P     . DG  B 1 12 ? -9.181  -4.832  17.184  1.00 59.10 ? 24  DG  B P     1 
ATOM   470 O  OP1   . DG  B 1 12 ? -8.185  -4.730  18.285  1.00 58.59 ? 24  DG  B OP1   1 
ATOM   471 O  OP2   . DG  B 1 12 ? -10.148 -5.973  17.160  1.00 57.07 ? 24  DG  B OP2   1 
ATOM   472 O  "O5'" . DG  B 1 12 ? -10.003 -3.474  17.160  1.00 57.94 ? 24  DG  B "O5'" 1 
ATOM   473 C  "C5'" . DG  B 1 12 ? -11.406 -3.473  17.356  1.00 53.78 ? 24  DG  B "C5'" 1 
ATOM   474 C  "C4'" . DG  B 1 12 ? -12.028 -2.368  16.542  1.00 50.80 ? 24  DG  B "C4'" 1 
ATOM   475 O  "O4'" . DG  B 1 12 ? -12.024 -2.749  15.143  1.00 46.71 ? 24  DG  B "O4'" 1 
ATOM   476 C  "C3'" . DG  B 1 12 ? -13.489 -2.119  16.899  1.00 50.66 ? 24  DG  B "C3'" 1 
ATOM   477 O  "O3'" . DG  B 1 12 ? -13.776 -0.769  16.557  1.00 54.06 ? 24  DG  B "O3'" 1 
ATOM   478 C  "C2'" . DG  B 1 12 ? -14.229 -2.995  15.912  1.00 47.84 ? 24  DG  B "C2'" 1 
ATOM   479 C  "C1'" . DG  B 1 12 ? -13.367 -2.848  14.676  1.00 44.17 ? 24  DG  B "C1'" 1 
ATOM   480 N  N9    . DG  B 1 12 ? -13.450 -3.986  13.772  1.00 38.92 ? 24  DG  B N9    1 
ATOM   481 C  C8    . DG  B 1 12 ? -12.918 -5.234  13.970  1.00 37.25 ? 24  DG  B C8    1 
ATOM   482 N  N7    . DG  B 1 12 ? -13.112 -6.034  12.961  1.00 35.12 ? 24  DG  B N7    1 
ATOM   483 C  C5    . DG  B 1 12 ? -13.821 -5.272  12.048  1.00 32.26 ? 24  DG  B C5    1 
ATOM   484 C  C6    . DG  B 1 12 ? -14.298 -5.602  10.770  1.00 31.82 ? 24  DG  B C6    1 
ATOM   485 O  O6    . DG  B 1 12 ? -14.175 -6.662  10.161  1.00 31.58 ? 24  DG  B O6    1 
ATOM   486 N  N1    . DG  B 1 12 ? -14.978 -4.542  10.186  1.00 31.42 ? 24  DG  B N1    1 
ATOM   487 C  C2    . DG  B 1 12 ? -15.167 -3.314  10.763  1.00 31.74 ? 24  DG  B C2    1 
ATOM   488 N  N2    . DG  B 1 12 ? -15.855 -2.419  10.039  1.00 30.82 ? 24  DG  B N2    1 
ATOM   489 N  N3    . DG  B 1 12 ? -14.713 -2.988  11.960  1.00 32.85 ? 24  DG  B N3    1 
ATOM   490 C  C4    . DG  B 1 12 ? -14.053 -4.011  12.541  1.00 34.57 ? 24  DG  B C4    1 
HETATM 491 N  N1    . DAP C 2 .  ? 0.715   -5.096  -1.827  1.00 70.67 ? 25  DAP A N1    1 
HETATM 492 C  C2    . DAP C 2 .  ? 0.749   -5.809  -3.054  1.00 71.68 ? 25  DAP A C2    1 
HETATM 493 C  C3    . DAP C 2 .  ? 0.762   -7.110  -2.844  1.00 70.90 ? 25  DAP A C3    1 
HETATM 494 C  C4    . DAP C 2 .  ? 0.748   -8.489  -0.620  1.00 72.16 ? 25  DAP A C4    1 
HETATM 495 C  C5    . DAP C 2 .  ? 0.717   -8.391  0.799   1.00 72.85 ? 25  DAP A C5    1 
HETATM 496 C  C6    . DAP C 2 .  ? 0.677   -7.064  1.413   1.00 72.87 ? 25  DAP A C6    1 
HETATM 497 C  C7    . DAP C 2 .  ? 0.673   -5.898  0.594   1.00 71.25 ? 25  DAP A C7    1 
HETATM 498 C  C8    . DAP C 2 .  ? 0.707   -6.046  -0.844  1.00 70.83 ? 25  DAP A C8    1 
HETATM 499 C  C9    . DAP C 2 .  ? 0.742   -7.290  -1.438  1.00 71.29 ? 25  DAP A C9    1 
HETATM 500 C  C10   . DAP C 2 .  ? 0.640   -6.936  2.787   1.00 73.15 ? 25  DAP A C10   1 
HETATM 501 N  N2    . DAP C 2 .  ? 0.646   -7.989  3.607   1.00 73.01 ? 25  DAP A N2    1 
HETATM 502 N  N3    . DAP C 2 .  ? 0.595   -5.727  3.375   1.00 72.45 ? 25  DAP A N3    1 
HETATM 503 C  "C1'" . DAP C 2 .  ? 0.761   -5.027  -4.338  1.00 73.02 ? 25  DAP A "C1'" 1 
HETATM 504 C  "C2'" . DAP C 2 .  ? 0.779   -5.625  -5.642  1.00 74.74 ? 25  DAP A "C2'" 1 
HETATM 505 C  "C3'" . DAP C 2 .  ? 0.790   -4.785  -6.787  1.00 75.97 ? 25  DAP A "C3'" 1 
HETATM 506 C  "C4'" . DAP C 2 .  ? 0.791   -3.327  -6.671  1.00 75.68 ? 25  DAP A "C4'" 1 
HETATM 507 C  "C5'" . DAP C 2 .  ? 0.775   -2.761  -5.351  1.00 74.86 ? 25  DAP A "C5'" 1 
HETATM 508 C  "C6'" . DAP C 2 .  ? 0.758   -3.577  -4.199  1.00 73.73 ? 25  DAP A "C6'" 1 
HETATM 509 C  C11   . DAP C 2 .  ? 0.808   -2.548  -7.799  1.00 76.06 ? 25  DAP A C11   1 
HETATM 510 N  N4    . DAP C 2 .  ? 0.816   -1.199  -7.875  1.00 75.96 ? 25  DAP A N4    1 
HETATM 511 N  N5    . DAP C 2 .  ? 0.820   -3.133  -9.035  1.00 75.29 ? 25  DAP A N5    1 
HETATM 512 MG MG    . MG  D 3 .  ? 5.917   -1.540  11.073  1.00 44.45 ? 26  MG  A MG    1 
HETATM 513 O  O     . HOH E 4 .  ? 6.036   2.635   0.967   1.00 22.49 ? 102 HOH A O     1 
HETATM 514 O  O     . HOH E 4 .  ? 9.648   -0.834  -1.742  1.00 19.87 ? 103 HOH A O     1 
HETATM 515 O  O     . HOH E 4 .  ? 9.290   0.512   2.068   1.00 26.83 ? 104 HOH A O     1 
HETATM 516 O  O     . HOH E 4 .  ? 6.387   -5.440  10.719  1.00 22.60 ? 121 HOH A O     1 
HETATM 517 O  O     . HOH E 4 .  ? 3.073   4.664   11.191  1.00 46.55 ? 128 HOH A O     1 
HETATM 518 O  O     . HOH E 4 .  ? 2.191   0.368   -9.755  1.00 38.98 ? 129 HOH A O     1 
HETATM 519 O  O     . HOH E 4 .  ? 4.038   -9.579  4.069   1.00 33.25 ? 135 HOH A O     1 
HETATM 520 O  O     . HOH E 4 .  ? -11.352 2.713   2.403   1.00 34.81 ? 137 HOH A O     1 
HETATM 521 O  O     . HOH E 4 .  ? 6.800   -0.579  13.290  1.00 32.89 ? 140 HOH A O     1 
HETATM 522 O  O     . HOH E 4 .  ? -13.567 1.601   1.162   1.00 24.02 ? 141 HOH A O     1 
HETATM 523 O  O     . HOH E 4 .  ? -10.902 4.378   -0.501  1.00 40.59 ? 142 HOH A O     1 
HETATM 524 O  O     . HOH E 4 .  ? 7.307   -3.115  11.643  1.00 33.73 ? 143 HOH A O     1 
HETATM 525 O  O     . HOH E 4 .  ? 4.572   3.919   5.692   1.00 35.08 ? 144 HOH A O     1 
HETATM 526 O  O     . HOH E 4 .  ? 4.110   6.205   -21.704 1.00 38.39 ? 149 HOH A O     1 
HETATM 527 O  O     . HOH E 4 .  ? -12.609 -6.611  4.546   1.00 20.29 ? 157 HOH A O     1 
HETATM 528 O  O     . HOH E 4 .  ? -1.958  -2.186  6.675   1.00 29.93 ? 158 HOH A O     1 
HETATM 529 O  O     . HOH E 4 .  ? 2.923   -1.325  -22.728 1.00 31.83 ? 159 HOH A O     1 
HETATM 530 O  O     . HOH E 4 .  ? -7.999  0.637   2.106   1.00 39.16 ? 160 HOH A O     1 
HETATM 531 O  O     . HOH E 4 .  ? 4.253   -4.787  11.603  1.00 32.07 ? 162 HOH A O     1 
HETATM 532 O  O     . HOH E 4 .  ? 3.802   -8.726  -9.903  1.00 43.25 ? 163 HOH A O     1 
HETATM 533 O  O     . HOH E 4 .  ? -4.534  -0.251  10.238  1.00 42.88 ? 167 HOH A O     1 
HETATM 534 O  O     . HOH E 4 .  ? 8.407   -0.158  -19.464 1.00 51.99 ? 168 HOH A O     1 
HETATM 535 O  O     . HOH F 4 .  ? 14.938  12.501  -2.487  1.00 43.04 ? 101 HOH B O     1 
HETATM 536 O  O     . HOH F 4 .  ? 3.581   14.338  -2.562  1.00 48.02 ? 105 HOH B O     1 
HETATM 537 O  O     . HOH F 4 .  ? -8.850  -4.511  0.473   1.00 14.80 ? 107 HOH B O     1 
HETATM 538 O  O     . HOH F 4 .  ? 1.867   5.987   1.586   1.00 23.89 ? 109 HOH B O     1 
HETATM 539 O  O     . HOH F 4 .  ? 16.913  16.422  -2.832  1.00 21.44 ? 111 HOH B O     1 
HETATM 540 O  O     . HOH F 4 .  ? 3.172   9.777   -0.830  1.00 37.45 ? 112 HOH B O     1 
HETATM 541 O  O     . HOH F 4 .  ? 7.343   4.085   -0.564  1.00 30.13 ? 114 HOH B O     1 
HETATM 542 O  O     . HOH F 4 .  ? 13.168  1.028   -4.851  1.00 22.57 ? 120 HOH B O     1 
HETATM 543 O  O     . HOH F 4 .  ? 10.818  14.679  -0.431  1.00 41.19 ? 125 HOH B O     1 
HETATM 544 O  O     . HOH F 4 .  ? 19.416  0.346   -7.933  1.00 29.34 ? 126 HOH B O     1 
HETATM 545 O  O     . HOH F 4 .  ? -9.891  -0.503  -2.280  1.00 41.05 ? 130 HOH B O     1 
HETATM 546 O  O     . HOH F 4 .  ? 2.396   3.812   2.927   1.00 18.94 ? 131 HOH B O     1 
HETATM 547 O  O     . HOH F 4 .  ? -3.913  -13.889 4.675   1.00 43.13 ? 132 HOH B O     1 
HETATM 548 O  O     . HOH F 4 .  ? 12.747  13.466  1.268   1.00 50.09 ? 138 HOH B O     1 
HETATM 549 O  O     . HOH F 4 .  ? 19.926  -3.509  -5.576  1.00 27.80 ? 145 HOH B O     1 
HETATM 550 O  O     . HOH F 4 .  ? 13.025  10.335  2.247   1.00 48.91 ? 150 HOH B O     1 
HETATM 551 O  O     . HOH F 4 .  ? 1.878   9.004   2.840   1.00 48.58 ? 154 HOH B O     1 
HETATM 552 O  O     . HOH F 4 .  ? 1.078   12.350  -2.393  1.00 45.06 ? 155 HOH B O     1 
HETATM 553 O  O     . HOH F 4 .  ? -3.788  -5.813  9.304   1.00 40.96 ? 156 HOH B O     1 
HETATM 554 O  O     . HOH F 4 .  ? 16.453  14.409  -0.787  1.00 39.94 ? 161 HOH B O     1 
HETATM 555 O  O     . HOH F 4 .  ? 20.525  7.719   -2.644  1.00 51.23 ? 164 HOH B O     1 
HETATM 556 O  O     . HOH F 4 .  ? -2.968  1.720   -11.726 1.00 53.77 ? 166 HOH B O     1 
HETATM 557 O  O     . HOH F 4 .  ? -0.078  -12.358 2.440   1.00 47.34 ? 170 HOH B O     1 
# 
loop_
_pdbx_poly_seq_scheme.asym_id 
_pdbx_poly_seq_scheme.entity_id 
_pdbx_poly_seq_scheme.seq_id 
_pdbx_poly_seq_scheme.mon_id 
_pdbx_poly_seq_scheme.ndb_seq_num 
_pdbx_poly_seq_scheme.pdb_seq_num 
_pdbx_poly_seq_scheme.auth_seq_num 
_pdbx_poly_seq_scheme.pdb_mon_id 
_pdbx_poly_seq_scheme.auth_mon_id 
_pdbx_poly_seq_scheme.pdb_strand_id 
_pdbx_poly_seq_scheme.pdb_ins_code 
_pdbx_poly_seq_scheme.hetero 
A 1 1  DC  1  1  1  DC  DC  A . n 
A 1 2  DG  2  2  2  DG  DG  A . n 
A 1 3  DC  3  3  3  DC  DC  A . n 
A 1 4  DG  4  4  4  DG  DG  A . n 
A 1 5  DG  5  5  5  DG  DG  A . n 
A 1 6  DA  6  6  6  DA  DA  A . n 
A 1 7  DT  7  7  7  DT  DT  A . n 
A 1 8  UFR 8  8  8  UFR UFR A . n 
A 1 9  DC  9  9  9  DC  DC  A . n 
A 1 10 DG  10 10 10 DG  DG  A . n 
A 1 11 DC  11 11 11 DC  DC  A . n 
A 1 12 DG  12 12 12 DG  DG  A . n 
B 1 1  DC  1  13 13 DC  DC  B . n 
B 1 2  DG  2  14 14 DG  DG  B . n 
B 1 3  DC  3  15 15 DC  DC  B . n 
B 1 4  DG  4  16 16 DG  DG  B . n 
B 1 5  DG  5  17 17 DG  DG  B . n 
B 1 6  DA  6  18 18 DA  DA  B . n 
B 1 7  DT  7  19 19 DT  DT  B . n 
B 1 8  UFR 8  20 20 UFR UFR B . n 
B 1 9  DC  9  21 21 DC  DC  B . n 
B 1 10 DG  10 22 22 DG  DG  B . n 
B 1 11 DC  11 23 23 DC  DC  B . n 
B 1 12 DG  12 24 24 DG  DG  B . n 
# 
loop_
_pdbx_nonpoly_scheme.asym_id 
_pdbx_nonpoly_scheme.entity_id 
_pdbx_nonpoly_scheme.mon_id 
_pdbx_nonpoly_scheme.ndb_seq_num 
_pdbx_nonpoly_scheme.pdb_seq_num 
_pdbx_nonpoly_scheme.auth_seq_num 
_pdbx_nonpoly_scheme.pdb_mon_id 
_pdbx_nonpoly_scheme.auth_mon_id 
_pdbx_nonpoly_scheme.pdb_strand_id 
_pdbx_nonpoly_scheme.pdb_ins_code 
C 2 DAP 1  25  25  DAP DAP A . 
D 3 MG  1  26  26  MG  MG2 A . 
E 4 HOH 1  102 102 HOH HOH A . 
E 4 HOH 2  103 103 HOH HOH A . 
E 4 HOH 3  104 104 HOH HOH A . 
E 4 HOH 4  121 121 HOH HOH A . 
E 4 HOH 5  128 128 HOH HOH A . 
E 4 HOH 6  129 129 HOH HOH A . 
E 4 HOH 7  135 135 HOH HOH A . 
E 4 HOH 8  137 137 HOH HOH A . 
E 4 HOH 9  140 140 HOH HOH A . 
E 4 HOH 10 141 141 HOH HOH A . 
E 4 HOH 11 142 142 HOH HOH A . 
E 4 HOH 12 143 143 HOH HOH A . 
E 4 HOH 13 144 144 HOH HOH A . 
E 4 HOH 14 149 149 HOH HOH A . 
E 4 HOH 15 157 157 HOH HOH A . 
E 4 HOH 16 158 158 HOH HOH A . 
E 4 HOH 17 159 159 HOH HOH A . 
E 4 HOH 18 160 160 HOH HOH A . 
E 4 HOH 19 162 162 HOH HOH A . 
E 4 HOH 20 163 163 HOH HOH A . 
E 4 HOH 21 167 167 HOH HOH A . 
E 4 HOH 22 168 168 HOH HOH A . 
F 4 HOH 1  101 101 HOH HOH B . 
F 4 HOH 2  105 105 HOH HOH B . 
F 4 HOH 3  107 107 HOH HOH B . 
F 4 HOH 4  109 109 HOH HOH B . 
F 4 HOH 5  111 111 HOH HOH B . 
F 4 HOH 6  112 112 HOH HOH B . 
F 4 HOH 7  114 114 HOH HOH B . 
F 4 HOH 8  120 120 HOH HOH B . 
F 4 HOH 9  125 125 HOH HOH B . 
F 4 HOH 10 126 126 HOH HOH B . 
F 4 HOH 11 130 130 HOH HOH B . 
F 4 HOH 12 131 131 HOH HOH B . 
F 4 HOH 13 132 132 HOH HOH B . 
F 4 HOH 14 138 138 HOH HOH B . 
F 4 HOH 15 145 145 HOH HOH B . 
F 4 HOH 16 150 150 HOH HOH B . 
F 4 HOH 17 154 154 HOH HOH B . 
F 4 HOH 18 155 155 HOH HOH B . 
F 4 HOH 19 156 156 HOH HOH B . 
F 4 HOH 20 161 161 HOH HOH B . 
F 4 HOH 21 164 164 HOH HOH B . 
F 4 HOH 22 166 166 HOH HOH B . 
F 4 HOH 23 170 170 HOH HOH B . 
# 
loop_
_pdbx_struct_mod_residue.id 
_pdbx_struct_mod_residue.label_asym_id 
_pdbx_struct_mod_residue.label_comp_id 
_pdbx_struct_mod_residue.label_seq_id 
_pdbx_struct_mod_residue.auth_asym_id 
_pdbx_struct_mod_residue.auth_comp_id 
_pdbx_struct_mod_residue.auth_seq_id 
_pdbx_struct_mod_residue.PDB_ins_code 
_pdbx_struct_mod_residue.parent_comp_id 
_pdbx_struct_mod_residue.details 
1 A UFR 8 A UFR 8  ? DU ? 
2 B UFR 8 B UFR 20 ? DU ? 
# 
_struct_site_keywords.site_id   1 
_struct_site_keywords.text      'MAJOR GROOVE BINDER' 
# 
_pdbx_struct_assembly.id                   1 
_pdbx_struct_assembly.details              author_and_software_defined_assembly 
_pdbx_struct_assembly.method_details       PISA 
_pdbx_struct_assembly.oligomeric_details   dimeric 
_pdbx_struct_assembly.oligomeric_count     2 
# 
_pdbx_struct_assembly_gen.assembly_id       1 
_pdbx_struct_assembly_gen.oper_expression   1 
_pdbx_struct_assembly_gen.asym_id_list      A,B,C,D,E,F 
# 
loop_
_pdbx_struct_assembly_prop.biol_id 
_pdbx_struct_assembly_prop.type 
_pdbx_struct_assembly_prop.value 
_pdbx_struct_assembly_prop.details 
1 'ABSA (A^2)' 2280 ? 
1 MORE         3    ? 
1 'SSA (A^2)'  4330 ? 
# 
_pdbx_struct_oper_list.id                   1 
_pdbx_struct_oper_list.type                 'identity operation' 
_pdbx_struct_oper_list.name                 1_555 
_pdbx_struct_oper_list.symmetry_operation   x,y,z 
_pdbx_struct_oper_list.matrix[1][1]         1.0000000000 
_pdbx_struct_oper_list.matrix[1][2]         0.0000000000 
_pdbx_struct_oper_list.matrix[1][3]         0.0000000000 
_pdbx_struct_oper_list.vector[1]            0.0000000000 
_pdbx_struct_oper_list.matrix[2][1]         0.0000000000 
_pdbx_struct_oper_list.matrix[2][2]         1.0000000000 
_pdbx_struct_oper_list.matrix[2][3]         0.0000000000 
_pdbx_struct_oper_list.vector[2]            0.0000000000 
_pdbx_struct_oper_list.matrix[3][1]         0.0000000000 
_pdbx_struct_oper_list.matrix[3][2]         0.0000000000 
_pdbx_struct_oper_list.matrix[3][3]         1.0000000000 
_pdbx_struct_oper_list.vector[3]            0.0000000000 
# 
_pdbx_struct_conn_angle.id                    1 
_pdbx_struct_conn_angle.ptnr1_label_atom_id   O 
_pdbx_struct_conn_angle.ptnr1_label_alt_id    ? 
_pdbx_struct_conn_angle.ptnr1_label_asym_id   E 
_pdbx_struct_conn_angle.ptnr1_label_comp_id   HOH 
_pdbx_struct_conn_angle.ptnr1_label_seq_id    . 
_pdbx_struct_conn_angle.ptnr1_auth_atom_id    ? 
_pdbx_struct_conn_angle.ptnr1_auth_asym_id    A 
_pdbx_struct_conn_angle.ptnr1_auth_comp_id    HOH 
_pdbx_struct_conn_angle.ptnr1_auth_seq_id     140 
_pdbx_struct_conn_angle.ptnr1_PDB_ins_code    ? 
_pdbx_struct_conn_angle.ptnr1_symmetry        1_555 
_pdbx_struct_conn_angle.ptnr2_label_atom_id   MG 
_pdbx_struct_conn_angle.ptnr2_label_alt_id    ? 
_pdbx_struct_conn_angle.ptnr2_label_asym_id   D 
_pdbx_struct_conn_angle.ptnr2_label_comp_id   MG 
_pdbx_struct_conn_angle.ptnr2_label_seq_id    . 
_pdbx_struct_conn_angle.ptnr2_auth_atom_id    ? 
_pdbx_struct_conn_angle.ptnr2_auth_asym_id    A 
_pdbx_struct_conn_angle.ptnr2_auth_comp_id    MG 
_pdbx_struct_conn_angle.ptnr2_auth_seq_id     26 
_pdbx_struct_conn_angle.ptnr2_PDB_ins_code    ? 
_pdbx_struct_conn_angle.ptnr2_symmetry        1_555 
_pdbx_struct_conn_angle.ptnr3_label_atom_id   O 
_pdbx_struct_conn_angle.ptnr3_label_alt_id    ? 
_pdbx_struct_conn_angle.ptnr3_label_asym_id   E 
_pdbx_struct_conn_angle.ptnr3_label_comp_id   HOH 
_pdbx_struct_conn_angle.ptnr3_label_seq_id    . 
_pdbx_struct_conn_angle.ptnr3_auth_atom_id    ? 
_pdbx_struct_conn_angle.ptnr3_auth_asym_id    A 
_pdbx_struct_conn_angle.ptnr3_auth_comp_id    HOH 
_pdbx_struct_conn_angle.ptnr3_auth_seq_id     143 
_pdbx_struct_conn_angle.ptnr3_PDB_ins_code    ? 
_pdbx_struct_conn_angle.ptnr3_symmetry        1_555 
_pdbx_struct_conn_angle.value                 79.9 
_pdbx_struct_conn_angle.value_esd             ? 
# 
loop_
_pdbx_audit_revision_history.ordinal 
_pdbx_audit_revision_history.data_content_type 
_pdbx_audit_revision_history.major_revision 
_pdbx_audit_revision_history.minor_revision 
_pdbx_audit_revision_history.revision_date 
1 'Structure model' 1 0 2011-04-27 
2 'Structure model' 1 1 2011-07-13 
3 'Structure model' 1 2 2023-11-01 
# 
_pdbx_audit_revision_details.ordinal             1 
_pdbx_audit_revision_details.revision_ordinal    1 
_pdbx_audit_revision_details.data_content_type   'Structure model' 
_pdbx_audit_revision_details.provider            repository 
_pdbx_audit_revision_details.type                'Initial release' 
_pdbx_audit_revision_details.description         ? 
_pdbx_audit_revision_details.details             ? 
# 
loop_
_pdbx_audit_revision_group.ordinal 
_pdbx_audit_revision_group.revision_ordinal 
_pdbx_audit_revision_group.data_content_type 
_pdbx_audit_revision_group.group 
1 2 'Structure model' 'Version format compliance' 
2 3 'Structure model' 'Data collection'           
3 3 'Structure model' 'Database references'       
4 3 'Structure model' 'Derived calculations'      
5 3 'Structure model' 'Refinement description'    
# 
loop_
_pdbx_audit_revision_category.ordinal 
_pdbx_audit_revision_category.revision_ordinal 
_pdbx_audit_revision_category.data_content_type 
_pdbx_audit_revision_category.category 
1 3 'Structure model' chem_comp_atom                
2 3 'Structure model' chem_comp_bond                
3 3 'Structure model' database_2                    
4 3 'Structure model' pdbx_initial_refinement_model 
5 3 'Structure model' pdbx_struct_conn_angle        
6 3 'Structure model' struct_conn                   
7 3 'Structure model' struct_site                   
# 
loop_
_pdbx_audit_revision_item.ordinal 
_pdbx_audit_revision_item.revision_ordinal 
_pdbx_audit_revision_item.data_content_type 
_pdbx_audit_revision_item.item 
1  3 'Structure model' '_database_2.pdbx_DOI'                      
2  3 'Structure model' '_database_2.pdbx_database_accession'       
3  3 'Structure model' '_pdbx_struct_conn_angle.ptnr1_auth_seq_id' 
4  3 'Structure model' '_pdbx_struct_conn_angle.ptnr3_auth_seq_id' 
5  3 'Structure model' '_struct_conn.pdbx_dist_value'              
6  3 'Structure model' '_struct_conn.pdbx_leaving_atom_flag'       
7  3 'Structure model' '_struct_conn.ptnr2_auth_seq_id'            
8  3 'Structure model' '_struct_site.pdbx_auth_asym_id'            
9  3 'Structure model' '_struct_site.pdbx_auth_comp_id'            
10 3 'Structure model' '_struct_site.pdbx_auth_seq_id'             
# 
loop_
_software.name 
_software.classification 
_software.version 
_software.citation_id 
_software.pdbx_ordinal 
ADSC  'data collection' Quantum ? 1 
AMoRE phasing           .       ? 2 
CNS   refinement        1.2     ? 3 
DPS   'data reduction'  .       ? 4 
# 
loop_
_chem_comp_atom.comp_id 
_chem_comp_atom.atom_id 
_chem_comp_atom.type_symbol 
_chem_comp_atom.pdbx_aromatic_flag 
_chem_comp_atom.pdbx_stereo_config 
_chem_comp_atom.pdbx_ordinal 
DA  OP3    O  N N 1   
DA  P      P  N N 2   
DA  OP1    O  N N 3   
DA  OP2    O  N N 4   
DA  "O5'"  O  N N 5   
DA  "C5'"  C  N N 6   
DA  "C4'"  C  N R 7   
DA  "O4'"  O  N N 8   
DA  "C3'"  C  N S 9   
DA  "O3'"  O  N N 10  
DA  "C2'"  C  N N 11  
DA  "C1'"  C  N R 12  
DA  N9     N  Y N 13  
DA  C8     C  Y N 14  
DA  N7     N  Y N 15  
DA  C5     C  Y N 16  
DA  C6     C  Y N 17  
DA  N6     N  N N 18  
DA  N1     N  Y N 19  
DA  C2     C  Y N 20  
DA  N3     N  Y N 21  
DA  C4     C  Y N 22  
DA  HOP3   H  N N 23  
DA  HOP2   H  N N 24  
DA  "H5'"  H  N N 25  
DA  "H5''" H  N N 26  
DA  "H4'"  H  N N 27  
DA  "H3'"  H  N N 28  
DA  "HO3'" H  N N 29  
DA  "H2'"  H  N N 30  
DA  "H2''" H  N N 31  
DA  "H1'"  H  N N 32  
DA  H8     H  N N 33  
DA  H61    H  N N 34  
DA  H62    H  N N 35  
DA  H2     H  N N 36  
DAP N1     N  Y N 37  
DAP C2     C  Y N 38  
DAP C3     C  Y N 39  
DAP C4     C  Y N 40  
DAP C5     C  Y N 41  
DAP C6     C  Y N 42  
DAP C7     C  Y N 43  
DAP C8     C  Y N 44  
DAP C9     C  Y N 45  
DAP C10    C  N N 46  
DAP N2     N  N N 47  
DAP N3     N  N N 48  
DAP "C1'"  C  Y N 49  
DAP "C2'"  C  Y N 50  
DAP "C3'"  C  Y N 51  
DAP "C4'"  C  Y N 52  
DAP "C5'"  C  Y N 53  
DAP "C6'"  C  Y N 54  
DAP C11    C  N N 55  
DAP N4     N  N N 56  
DAP N5     N  N N 57  
DAP HN1    H  N N 58  
DAP H3     H  N N 59  
DAP H4     H  N N 60  
DAP H5     H  N N 61  
DAP H7     H  N N 62  
DAP HN2    H  N N 63  
DAP HN31   H  N N 64  
DAP HN32   H  N N 65  
DAP "H2'"  H  N N 66  
DAP "H3'"  H  N N 67  
DAP "H5'"  H  N N 68  
DAP "H6'"  H  N N 69  
DAP HN4    H  N N 70  
DAP HN51   H  N N 71  
DAP HN52   H  N N 72  
DC  OP3    O  N N 73  
DC  P      P  N N 74  
DC  OP1    O  N N 75  
DC  OP2    O  N N 76  
DC  "O5'"  O  N N 77  
DC  "C5'"  C  N N 78  
DC  "C4'"  C  N R 79  
DC  "O4'"  O  N N 80  
DC  "C3'"  C  N S 81  
DC  "O3'"  O  N N 82  
DC  "C2'"  C  N N 83  
DC  "C1'"  C  N R 84  
DC  N1     N  N N 85  
DC  C2     C  N N 86  
DC  O2     O  N N 87  
DC  N3     N  N N 88  
DC  C4     C  N N 89  
DC  N4     N  N N 90  
DC  C5     C  N N 91  
DC  C6     C  N N 92  
DC  HOP3   H  N N 93  
DC  HOP2   H  N N 94  
DC  "H5'"  H  N N 95  
DC  "H5''" H  N N 96  
DC  "H4'"  H  N N 97  
DC  "H3'"  H  N N 98  
DC  "HO3'" H  N N 99  
DC  "H2'"  H  N N 100 
DC  "H2''" H  N N 101 
DC  "H1'"  H  N N 102 
DC  H41    H  N N 103 
DC  H42    H  N N 104 
DC  H5     H  N N 105 
DC  H6     H  N N 106 
DG  OP3    O  N N 107 
DG  P      P  N N 108 
DG  OP1    O  N N 109 
DG  OP2    O  N N 110 
DG  "O5'"  O  N N 111 
DG  "C5'"  C  N N 112 
DG  "C4'"  C  N R 113 
DG  "O4'"  O  N N 114 
DG  "C3'"  C  N S 115 
DG  "O3'"  O  N N 116 
DG  "C2'"  C  N N 117 
DG  "C1'"  C  N R 118 
DG  N9     N  Y N 119 
DG  C8     C  Y N 120 
DG  N7     N  Y N 121 
DG  C5     C  Y N 122 
DG  C6     C  N N 123 
DG  O6     O  N N 124 
DG  N1     N  N N 125 
DG  C2     C  N N 126 
DG  N2     N  N N 127 
DG  N3     N  N N 128 
DG  C4     C  Y N 129 
DG  HOP3   H  N N 130 
DG  HOP2   H  N N 131 
DG  "H5'"  H  N N 132 
DG  "H5''" H  N N 133 
DG  "H4'"  H  N N 134 
DG  "H3'"  H  N N 135 
DG  "HO3'" H  N N 136 
DG  "H2'"  H  N N 137 
DG  "H2''" H  N N 138 
DG  "H1'"  H  N N 139 
DG  H8     H  N N 140 
DG  H1     H  N N 141 
DG  H21    H  N N 142 
DG  H22    H  N N 143 
DT  OP3    O  N N 144 
DT  P      P  N N 145 
DT  OP1    O  N N 146 
DT  OP2    O  N N 147 
DT  "O5'"  O  N N 148 
DT  "C5'"  C  N N 149 
DT  "C4'"  C  N R 150 
DT  "O4'"  O  N N 151 
DT  "C3'"  C  N S 152 
DT  "O3'"  O  N N 153 
DT  "C2'"  C  N N 154 
DT  "C1'"  C  N R 155 
DT  N1     N  N N 156 
DT  C2     C  N N 157 
DT  O2     O  N N 158 
DT  N3     N  N N 159 
DT  C4     C  N N 160 
DT  O4     O  N N 161 
DT  C5     C  N N 162 
DT  C7     C  N N 163 
DT  C6     C  N N 164 
DT  HOP3   H  N N 165 
DT  HOP2   H  N N 166 
DT  "H5'"  H  N N 167 
DT  "H5''" H  N N 168 
DT  "H4'"  H  N N 169 
DT  "H3'"  H  N N 170 
DT  "HO3'" H  N N 171 
DT  "H2'"  H  N N 172 
DT  "H2''" H  N N 173 
DT  "H1'"  H  N N 174 
DT  H3     H  N N 175 
DT  H71    H  N N 176 
DT  H72    H  N N 177 
DT  H73    H  N N 178 
DT  H6     H  N N 179 
HOH O      O  N N 180 
HOH H1     H  N N 181 
HOH H2     H  N N 182 
MG  MG     MG N N 183 
UFR O3P    O  N N 184 
UFR P      P  N N 185 
UFR O1P    O  N N 186 
UFR O2P    O  N N 187 
UFR "O5'"  O  N N 188 
UFR "C5'"  C  N N 189 
UFR "C4'"  C  N R 190 
UFR "O4'"  O  N N 191 
UFR "C3'"  C  N S 192 
UFR "O3'"  O  N N 193 
UFR "C2'"  C  N N 194 
UFR "C1'"  C  N R 195 
UFR N1     N  N N 196 
UFR C2     C  N N 197 
UFR O2     O  N N 198 
UFR N3     N  N N 199 
UFR C4     C  N N 200 
UFR O4     O  N N 201 
UFR C5     C  N N 202 
UFR C6     C  N N 203 
UFR C7     C  N N 204 
UFR O5     O  N N 205 
UFR HO1P   H  N N 206 
UFR HO2P   H  N N 207 
UFR "H5'1" H  N N 208 
UFR "H5'2" H  N N 209 
UFR "H4'"  H  N N 210 
UFR "H3'"  H  N N 211 
UFR "HO3'" H  N N 212 
UFR "H2'1" H  N N 213 
UFR "H2'2" H  N N 214 
UFR "H1'"  H  N N 215 
UFR HN3    H  N N 216 
UFR H6     H  N N 217 
UFR H7     H  N N 218 
# 
loop_
_chem_comp_bond.comp_id 
_chem_comp_bond.atom_id_1 
_chem_comp_bond.atom_id_2 
_chem_comp_bond.value_order 
_chem_comp_bond.pdbx_aromatic_flag 
_chem_comp_bond.pdbx_stereo_config 
_chem_comp_bond.pdbx_ordinal 
DA  OP3   P      sing N N 1   
DA  OP3   HOP3   sing N N 2   
DA  P     OP1    doub N N 3   
DA  P     OP2    sing N N 4   
DA  P     "O5'"  sing N N 5   
DA  OP2   HOP2   sing N N 6   
DA  "O5'" "C5'"  sing N N 7   
DA  "C5'" "C4'"  sing N N 8   
DA  "C5'" "H5'"  sing N N 9   
DA  "C5'" "H5''" sing N N 10  
DA  "C4'" "O4'"  sing N N 11  
DA  "C4'" "C3'"  sing N N 12  
DA  "C4'" "H4'"  sing N N 13  
DA  "O4'" "C1'"  sing N N 14  
DA  "C3'" "O3'"  sing N N 15  
DA  "C3'" "C2'"  sing N N 16  
DA  "C3'" "H3'"  sing N N 17  
DA  "O3'" "HO3'" sing N N 18  
DA  "C2'" "C1'"  sing N N 19  
DA  "C2'" "H2'"  sing N N 20  
DA  "C2'" "H2''" sing N N 21  
DA  "C1'" N9     sing N N 22  
DA  "C1'" "H1'"  sing N N 23  
DA  N9    C8     sing Y N 24  
DA  N9    C4     sing Y N 25  
DA  C8    N7     doub Y N 26  
DA  C8    H8     sing N N 27  
DA  N7    C5     sing Y N 28  
DA  C5    C6     sing Y N 29  
DA  C5    C4     doub Y N 30  
DA  C6    N6     sing N N 31  
DA  C6    N1     doub Y N 32  
DA  N6    H61    sing N N 33  
DA  N6    H62    sing N N 34  
DA  N1    C2     sing Y N 35  
DA  C2    N3     doub Y N 36  
DA  C2    H2     sing N N 37  
DA  N3    C4     sing Y N 38  
DAP N1    C2     sing Y N 39  
DAP N1    C8     sing Y N 40  
DAP N1    HN1    sing N N 41  
DAP C2    C3     doub Y N 42  
DAP C2    "C1'"  sing Y N 43  
DAP C3    C9     sing Y N 44  
DAP C3    H3     sing N N 45  
DAP C4    C5     doub Y N 46  
DAP C4    C9     sing Y N 47  
DAP C4    H4     sing N N 48  
DAP C5    C6     sing Y N 49  
DAP C5    H5     sing N N 50  
DAP C6    C7     doub Y N 51  
DAP C6    C10    sing N N 52  
DAP C7    C8     sing Y N 53  
DAP C7    H7     sing N N 54  
DAP C8    C9     doub Y N 55  
DAP C10   N2     doub N N 56  
DAP C10   N3     sing N N 57  
DAP N2    HN2    sing N N 58  
DAP N3    HN31   sing N N 59  
DAP N3    HN32   sing N N 60  
DAP "C1'" "C2'"  doub Y N 61  
DAP "C1'" "C6'"  sing Y N 62  
DAP "C2'" "C3'"  sing Y N 63  
DAP "C2'" "H2'"  sing N N 64  
DAP "C3'" "C4'"  doub Y N 65  
DAP "C3'" "H3'"  sing N N 66  
DAP "C4'" "C5'"  sing Y N 67  
DAP "C4'" C11    sing N N 68  
DAP "C5'" "C6'"  doub Y N 69  
DAP "C5'" "H5'"  sing N N 70  
DAP "C6'" "H6'"  sing N N 71  
DAP C11   N4     doub N N 72  
DAP C11   N5     sing N N 73  
DAP N4    HN4    sing N N 74  
DAP N5    HN51   sing N N 75  
DAP N5    HN52   sing N N 76  
DC  OP3   P      sing N N 77  
DC  OP3   HOP3   sing N N 78  
DC  P     OP1    doub N N 79  
DC  P     OP2    sing N N 80  
DC  P     "O5'"  sing N N 81  
DC  OP2   HOP2   sing N N 82  
DC  "O5'" "C5'"  sing N N 83  
DC  "C5'" "C4'"  sing N N 84  
DC  "C5'" "H5'"  sing N N 85  
DC  "C5'" "H5''" sing N N 86  
DC  "C4'" "O4'"  sing N N 87  
DC  "C4'" "C3'"  sing N N 88  
DC  "C4'" "H4'"  sing N N 89  
DC  "O4'" "C1'"  sing N N 90  
DC  "C3'" "O3'"  sing N N 91  
DC  "C3'" "C2'"  sing N N 92  
DC  "C3'" "H3'"  sing N N 93  
DC  "O3'" "HO3'" sing N N 94  
DC  "C2'" "C1'"  sing N N 95  
DC  "C2'" "H2'"  sing N N 96  
DC  "C2'" "H2''" sing N N 97  
DC  "C1'" N1     sing N N 98  
DC  "C1'" "H1'"  sing N N 99  
DC  N1    C2     sing N N 100 
DC  N1    C6     sing N N 101 
DC  C2    O2     doub N N 102 
DC  C2    N3     sing N N 103 
DC  N3    C4     doub N N 104 
DC  C4    N4     sing N N 105 
DC  C4    C5     sing N N 106 
DC  N4    H41    sing N N 107 
DC  N4    H42    sing N N 108 
DC  C5    C6     doub N N 109 
DC  C5    H5     sing N N 110 
DC  C6    H6     sing N N 111 
DG  OP3   P      sing N N 112 
DG  OP3   HOP3   sing N N 113 
DG  P     OP1    doub N N 114 
DG  P     OP2    sing N N 115 
DG  P     "O5'"  sing N N 116 
DG  OP2   HOP2   sing N N 117 
DG  "O5'" "C5'"  sing N N 118 
DG  "C5'" "C4'"  sing N N 119 
DG  "C5'" "H5'"  sing N N 120 
DG  "C5'" "H5''" sing N N 121 
DG  "C4'" "O4'"  sing N N 122 
DG  "C4'" "C3'"  sing N N 123 
DG  "C4'" "H4'"  sing N N 124 
DG  "O4'" "C1'"  sing N N 125 
DG  "C3'" "O3'"  sing N N 126 
DG  "C3'" "C2'"  sing N N 127 
DG  "C3'" "H3'"  sing N N 128 
DG  "O3'" "HO3'" sing N N 129 
DG  "C2'" "C1'"  sing N N 130 
DG  "C2'" "H2'"  sing N N 131 
DG  "C2'" "H2''" sing N N 132 
DG  "C1'" N9     sing N N 133 
DG  "C1'" "H1'"  sing N N 134 
DG  N9    C8     sing Y N 135 
DG  N9    C4     sing Y N 136 
DG  C8    N7     doub Y N 137 
DG  C8    H8     sing N N 138 
DG  N7    C5     sing Y N 139 
DG  C5    C6     sing N N 140 
DG  C5    C4     doub Y N 141 
DG  C6    O6     doub N N 142 
DG  C6    N1     sing N N 143 
DG  N1    C2     sing N N 144 
DG  N1    H1     sing N N 145 
DG  C2    N2     sing N N 146 
DG  C2    N3     doub N N 147 
DG  N2    H21    sing N N 148 
DG  N2    H22    sing N N 149 
DG  N3    C4     sing N N 150 
DT  OP3   P      sing N N 151 
DT  OP3   HOP3   sing N N 152 
DT  P     OP1    doub N N 153 
DT  P     OP2    sing N N 154 
DT  P     "O5'"  sing N N 155 
DT  OP2   HOP2   sing N N 156 
DT  "O5'" "C5'"  sing N N 157 
DT  "C5'" "C4'"  sing N N 158 
DT  "C5'" "H5'"  sing N N 159 
DT  "C5'" "H5''" sing N N 160 
DT  "C4'" "O4'"  sing N N 161 
DT  "C4'" "C3'"  sing N N 162 
DT  "C4'" "H4'"  sing N N 163 
DT  "O4'" "C1'"  sing N N 164 
DT  "C3'" "O3'"  sing N N 165 
DT  "C3'" "C2'"  sing N N 166 
DT  "C3'" "H3'"  sing N N 167 
DT  "O3'" "HO3'" sing N N 168 
DT  "C2'" "C1'"  sing N N 169 
DT  "C2'" "H2'"  sing N N 170 
DT  "C2'" "H2''" sing N N 171 
DT  "C1'" N1     sing N N 172 
DT  "C1'" "H1'"  sing N N 173 
DT  N1    C2     sing N N 174 
DT  N1    C6     sing N N 175 
DT  C2    O2     doub N N 176 
DT  C2    N3     sing N N 177 
DT  N3    C4     sing N N 178 
DT  N3    H3     sing N N 179 
DT  C4    O4     doub N N 180 
DT  C4    C5     sing N N 181 
DT  C5    C7     sing N N 182 
DT  C5    C6     doub N N 183 
DT  C7    H71    sing N N 184 
DT  C7    H72    sing N N 185 
DT  C7    H73    sing N N 186 
DT  C6    H6     sing N N 187 
HOH O     H1     sing N N 188 
HOH O     H2     sing N N 189 
UFR O3P   P      doub N N 190 
UFR P     O1P    sing N N 191 
UFR P     O2P    sing N N 192 
UFR P     "O5'"  sing N N 193 
UFR O1P   HO1P   sing N N 194 
UFR O2P   HO2P   sing N N 195 
UFR "O5'" "C5'"  sing N N 196 
UFR "C5'" "C4'"  sing N N 197 
UFR "C5'" "H5'1" sing N N 198 
UFR "C5'" "H5'2" sing N N 199 
UFR "C4'" "O4'"  sing N N 200 
UFR "C4'" "C3'"  sing N N 201 
UFR "C4'" "H4'"  sing N N 202 
UFR "O4'" "C1'"  sing N N 203 
UFR "C3'" "O3'"  sing N N 204 
UFR "C3'" "C2'"  sing N N 205 
UFR "C3'" "H3'"  sing N N 206 
UFR "O3'" "HO3'" sing N N 207 
UFR "C2'" "C1'"  sing N N 208 
UFR "C2'" "H2'1" sing N N 209 
UFR "C2'" "H2'2" sing N N 210 
UFR "C1'" N1     sing N N 211 
UFR "C1'" "H1'"  sing N N 212 
UFR N1    C2     sing N N 213 
UFR N1    C6     sing N N 214 
UFR C2    O2     doub N N 215 
UFR C2    N3     sing N N 216 
UFR N3    C4     sing N N 217 
UFR N3    HN3    sing N N 218 
UFR C4    O4     doub N N 219 
UFR C4    C5     sing N N 220 
UFR C5    C6     doub N N 221 
UFR C5    C7     sing N N 222 
UFR C6    H6     sing N N 223 
UFR C7    O5     doub N N 224 
UFR C7    H7     sing N N 225 
# 
loop_
_ndb_struct_conf_na.entry_id 
_ndb_struct_conf_na.feature 
3AJL 'b-form double helix'  
3AJL 'mismatched base pair' 
# 
loop_
_ndb_struct_na_base_pair.model_number 
_ndb_struct_na_base_pair.i_label_asym_id 
_ndb_struct_na_base_pair.i_label_comp_id 
_ndb_struct_na_base_pair.i_label_seq_id 
_ndb_struct_na_base_pair.i_symmetry 
_ndb_struct_na_base_pair.j_label_asym_id 
_ndb_struct_na_base_pair.j_label_comp_id 
_ndb_struct_na_base_pair.j_label_seq_id 
_ndb_struct_na_base_pair.j_symmetry 
_ndb_struct_na_base_pair.shear 
_ndb_struct_na_base_pair.stretch 
_ndb_struct_na_base_pair.stagger 
_ndb_struct_na_base_pair.buckle 
_ndb_struct_na_base_pair.propeller 
_ndb_struct_na_base_pair.opening 
_ndb_struct_na_base_pair.pair_number 
_ndb_struct_na_base_pair.pair_name 
_ndb_struct_na_base_pair.i_auth_asym_id 
_ndb_struct_na_base_pair.i_auth_seq_id 
_ndb_struct_na_base_pair.i_PDB_ins_code 
_ndb_struct_na_base_pair.j_auth_asym_id 
_ndb_struct_na_base_pair.j_auth_seq_id 
_ndb_struct_na_base_pair.j_PDB_ins_code 
_ndb_struct_na_base_pair.hbond_type_28 
_ndb_struct_na_base_pair.hbond_type_12 
1 A DC  1  1_555 B DG  12 1_555 0.219  -0.203 0.331  -0.268 -11.376 -3.605 1  A_DC1:DG24_B  A 1  ? B 24 ? 19 1 
1 A DG  2  1_555 B DC  11 1_555 -0.040 -0.130 0.649  5.106  -13.606 -4.761 2  A_DG2:DC23_B  A 2  ? B 23 ? 19 1 
1 A DC  3  1_555 B DG  10 1_555 -0.118 -0.110 -0.106 -3.649 -4.167  -3.936 3  A_DC3:DG22_B  A 3  ? B 22 ? 19 1 
1 A DG  4  1_555 B DC  9  1_555 -0.165 -0.083 0.216  10.269 -6.556  -0.067 4  A_DG4:DC21_B  A 4  ? B 21 ? 19 1 
1 A DG  5  1_555 B UFR 8  1_555 2.154  0.104  -0.046 4.502  -13.906 -2.356 5  A_DG5:UFR20_B A 5  ? B 20 ? ?  ? 
1 A DA  6  1_555 B DT  7  1_555 0.039  -0.027 0.044  0.235  -19.146 -2.620 6  A_DA6:DT19_B  A 6  ? B 19 ? 20 1 
1 A DT  7  1_555 B DA  6  1_555 -0.210 -0.194 0.128  -5.624 -16.346 -0.350 7  A_DT7:DA18_B  A 7  ? B 18 ? 20 1 
1 A UFR 8  1_555 B DG  5  1_555 -2.188 0.082  0.035  -9.959 -13.307 -3.036 8  A_UFR8:DG17_B A 8  ? B 17 ? ?  ? 
1 A DC  9  1_555 B DG  4  1_555 0.274  -0.153 0.110  -7.946 -10.183 -2.660 9  A_DC9:DG16_B  A 9  ? B 16 ? 19 1 
1 A DG  10 1_555 B DC  3  1_555 -0.010 -0.084 -0.005 3.345  -6.323  -1.132 10 A_DG10:DC15_B A 10 ? B 15 ? 19 1 
1 A DC  11 1_555 B DG  2  1_555 -0.024 -0.012 0.280  2.322  -14.813 -3.996 11 A_DC11:DG14_B A 11 ? B 14 ? 19 1 
1 A DG  12 1_555 B DC  1  1_555 -0.049 -0.107 0.342  4.048  -10.288 -4.352 12 A_DG12:DC13_B A 12 ? B 13 ? 19 1 
# 
loop_
_ndb_struct_na_base_pair_step.model_number 
_ndb_struct_na_base_pair_step.i_label_asym_id_1 
_ndb_struct_na_base_pair_step.i_label_comp_id_1 
_ndb_struct_na_base_pair_step.i_label_seq_id_1 
_ndb_struct_na_base_pair_step.i_symmetry_1 
_ndb_struct_na_base_pair_step.j_label_asym_id_1 
_ndb_struct_na_base_pair_step.j_label_comp_id_1 
_ndb_struct_na_base_pair_step.j_label_seq_id_1 
_ndb_struct_na_base_pair_step.j_symmetry_1 
_ndb_struct_na_base_pair_step.i_label_asym_id_2 
_ndb_struct_na_base_pair_step.i_label_comp_id_2 
_ndb_struct_na_base_pair_step.i_label_seq_id_2 
_ndb_struct_na_base_pair_step.i_symmetry_2 
_ndb_struct_na_base_pair_step.j_label_asym_id_2 
_ndb_struct_na_base_pair_step.j_label_comp_id_2 
_ndb_struct_na_base_pair_step.j_label_seq_id_2 
_ndb_struct_na_base_pair_step.j_symmetry_2 
_ndb_struct_na_base_pair_step.shift 
_ndb_struct_na_base_pair_step.slide 
_ndb_struct_na_base_pair_step.rise 
_ndb_struct_na_base_pair_step.tilt 
_ndb_struct_na_base_pair_step.roll 
_ndb_struct_na_base_pair_step.twist 
_ndb_struct_na_base_pair_step.x_displacement 
_ndb_struct_na_base_pair_step.y_displacement 
_ndb_struct_na_base_pair_step.helical_rise 
_ndb_struct_na_base_pair_step.inclination 
_ndb_struct_na_base_pair_step.tip 
_ndb_struct_na_base_pair_step.helical_twist 
_ndb_struct_na_base_pair_step.step_number 
_ndb_struct_na_base_pair_step.step_name 
_ndb_struct_na_base_pair_step.i_auth_asym_id_1 
_ndb_struct_na_base_pair_step.i_auth_seq_id_1 
_ndb_struct_na_base_pair_step.i_PDB_ins_code_1 
_ndb_struct_na_base_pair_step.j_auth_asym_id_1 
_ndb_struct_na_base_pair_step.j_auth_seq_id_1 
_ndb_struct_na_base_pair_step.j_PDB_ins_code_1 
_ndb_struct_na_base_pair_step.i_auth_asym_id_2 
_ndb_struct_na_base_pair_step.i_auth_seq_id_2 
_ndb_struct_na_base_pair_step.i_PDB_ins_code_2 
_ndb_struct_na_base_pair_step.j_auth_asym_id_2 
_ndb_struct_na_base_pair_step.j_auth_seq_id_2 
_ndb_struct_na_base_pair_step.j_PDB_ins_code_2 
1 A DC  1  1_555 B DG  12 1_555 A DG  2  1_555 B DC  11 1_555 0.249  -0.084 3.078 0.306  6.303  36.584 -0.925 -0.353 3.024 9.950  
-0.484 37.106 1  AA_DC1DG2:DC23DG24_BB   A 1  ? B 24 ? A 2  ? B 23 ? 
1 A DG  2  1_555 B DC  11 1_555 A DC  3  1_555 B DG  10 1_555 0.573  0.250  3.492 5.204  -1.162 36.591 0.563  -0.147 3.528 -1.838 
-8.235 36.965 2  AA_DG2DC3:DG22DC23_BB   A 2  ? B 23 ? A 3  ? B 22 ? 
1 A DC  3  1_555 B DG  10 1_555 A DG  4  1_555 B DC  9  1_555 -0.384 0.774  3.074 -0.514 5.377  30.965 0.460  0.617  3.166 9.976  
0.953  31.422 3  AA_DC3DG4:DC21DG22_BB   A 3  ? B 22 ? A 4  ? B 21 ? 
1 A DG  4  1_555 B DC  9  1_555 A DG  5  1_555 B UFR 8  1_555 0.293  0.096  3.623 3.608  6.911  40.355 -0.701 0.020  3.603 9.906  
-5.172 41.070 4  AA_DG4DG5:UFR20DC21_BB  A 4  ? B 21 ? A 5  ? B 20 ? 
1 A DG  5  1_555 B UFR 8  1_555 A DA  6  1_555 B DT  7  1_555 -0.672 0.091  3.165 -3.795 -1.737 32.388 0.456  0.551  3.212 -3.098 
6.768  32.649 5  AA_DG5DA6:DT19UFR20_BB  A 5  ? B 20 ? A 6  ? B 19 ? 
1 A DA  6  1_555 B DT  7  1_555 A DT  7  1_555 B DA  6  1_555 0.180  -0.714 3.378 -0.432 0.221  31.290 -1.367 -0.419 3.371 0.409  
0.801  31.294 6  AA_DA6DT7:DA18DT19_BB   A 6  ? B 19 ? A 7  ? B 18 ? 
1 A DT  7  1_555 B DA  6  1_555 A UFR 8  1_555 B DG  5  1_555 0.610  -0.161 3.209 4.882  -2.104 32.549 0.073  -0.248 3.267 -3.722 
-8.639 32.969 7  AA_DT7UFR8:DG17DA18_BB  A 7  ? B 18 ? A 8  ? B 17 ? 
1 A UFR 8  1_555 B DG  5  1_555 A DC  9  1_555 B DG  4  1_555 -0.780 0.116  3.455 -3.159 1.283  39.231 0.009  0.758  3.507 1.907  
4.694  39.373 8  AA_UFR8DC9:DG16DG17_BB  A 8  ? B 17 ? A 9  ? B 16 ? 
1 A DC  9  1_555 B DG  4  1_555 A DG  10 1_555 B DC  3  1_555 0.461  0.874  3.165 0.960  3.703  31.888 0.927  -0.664 3.256 6.710  
-1.739 32.111 9  AA_DC9DG10:DC15DG16_BB  A 9  ? B 16 ? A 10 ? B 15 ? 
1 A DG  10 1_555 B DC  3  1_555 A DC  11 1_555 B DG  2  1_555 -0.805 0.538  3.375 -2.505 -6.247 38.072 1.603  0.899  3.294 -9.486 
3.803  38.640 10 AA_DG10DC11:DG14DC15_BB A 10 ? B 15 ? A 11 ? B 14 ? 
1 A DC  11 1_555 B DG  2  1_555 A DG  12 1_555 B DC  1  1_555 0.128  0.656  3.244 0.695  5.298  38.268 0.335  -0.107 3.304 8.034  
-1.055 38.626 11 AA_DC11DG12:DC13DG14_BB A 11 ? B 14 ? A 12 ? B 13 ? 
# 
loop_
_pdbx_entity_nonpoly.entity_id 
_pdbx_entity_nonpoly.name 
_pdbx_entity_nonpoly.comp_id 
2 '6-AMIDINE-2-(4-AMIDINO-PHENYL)INDOLE' DAP 
3 'MAGNESIUM ION'                        MG  
4 water                                  HOH 
# 
_pdbx_initial_refinement_model.id               1 
_pdbx_initial_refinement_model.entity_id_list   ? 
_pdbx_initial_refinement_model.type             'experimental model' 
_pdbx_initial_refinement_model.source_name      PDB 
_pdbx_initial_refinement_model.accession_code   355D 
_pdbx_initial_refinement_model.details          'PDB ENTRY 355D' 
# 
